data_7ZOA
#
_entry.id   7ZOA
#
_cell.length_a   1.00
_cell.length_b   1.00
_cell.length_c   1.00
_cell.angle_alpha   90.00
_cell.angle_beta   90.00
_cell.angle_gamma   90.00
#
_symmetry.space_group_name_H-M   'P 1'
#
loop_
_entity.id
_entity.type
_entity.pdbx_description
1 polymer 'Beta-(1-->2)glucan export ATP-binding/permease protein NdvA'
2 branched Cyclooctadecakis-(1-2)-(beta-D-glucopyranose)
#
_entity_poly.entity_id   1
_entity_poly.type   'polypeptide(L)'
_entity_poly.pdbx_seq_one_letter_code
;MSLLKIYWRAMQYLAVERTATITMCVASVLVALVTLAEPVLFGRVIQSISDKGDIFSPLLMWAALGGFNIMAAVFVARGA
DRLAHRRRLGVMIDSYERLITMPLAWHQKRGTSNALHTLIRATDSLFTLWLEFMRQHLTTVVALATLIPVAMTMDMRMSL
VLIVLGVIYVMIGQLVMRKTKDGQAAVEKHHHKLFEHVSDTISNVSVVQSYNRIASETQALRDYAKNLENAQFPVLNWWA
LASGLNRMASTFSMVVVLVLGAYFVTKGQMRVGDVIAFIGFAQLMIGRLDQISAFINQTVTARAKLEEFFQMEDATADRQ
EPENVADLNDVKGDIVFDNVTYEFPNSGQGVYDVSFEVKPGQTVAIVGPTGAGKTTLINLLQRVFDPAAGRIMIDGTDTR
TVSRRSLRHAIATVFQDAGLFNRSVEDNIRVGRANATHEEVHAAAKAAAAHDFILAKSEGYDTFVGERGSQLSGGERQRL
AIARAILKDSPILVLDEATSALDVETEEKVTQAVDELSHNRTTFIIAHRLSTVRSADLVLFMDKGHLVESGSFNELAERG
GRFSDLLRAGGLKLEDKQPKQPVVEGSNVMPFPVKGAVA
;
_entity_poly.pdbx_strand_id   A,B
#
loop_
_chem_comp.id
_chem_comp.type
_chem_comp.name
_chem_comp.formula
BGC D-saccharide, beta linking beta-D-glucopyranose 'C6 H12 O6'
#
# COMPACT_ATOMS: atom_id res chain seq x y z
N MET A 1 29.89 9.09 -10.38
CA MET A 1 30.51 9.86 -9.30
C MET A 1 29.46 10.57 -8.47
N SER A 2 28.19 10.49 -8.89
CA SER A 2 27.11 11.12 -8.16
C SER A 2 26.86 10.44 -6.81
N LEU A 3 27.06 9.12 -6.73
CA LEU A 3 26.82 8.40 -5.49
C LEU A 3 27.78 8.85 -4.38
N LEU A 4 29.03 9.14 -4.74
CA LEU A 4 29.98 9.59 -3.73
C LEU A 4 29.55 10.91 -3.12
N LYS A 5 28.98 11.81 -3.93
CA LYS A 5 28.45 13.05 -3.39
C LYS A 5 27.31 12.78 -2.42
N ILE A 6 26.45 11.81 -2.74
CA ILE A 6 25.35 11.45 -1.85
C ILE A 6 25.89 10.93 -0.52
N TYR A 7 26.89 10.06 -0.57
CA TYR A 7 27.48 9.54 0.67
C TYR A 7 28.13 10.66 1.47
N TRP A 8 28.82 11.58 0.79
CA TRP A 8 29.45 12.68 1.51
C TRP A 8 28.41 13.55 2.19
N ARG A 9 27.31 13.87 1.51
CA ARG A 9 26.27 14.68 2.11
C ARG A 9 25.62 13.95 3.29
N ALA A 10 25.37 12.65 3.14
CA ALA A 10 24.79 11.89 4.24
C ALA A 10 25.70 11.88 5.46
N MET A 11 27.00 11.67 5.24
CA MET A 11 27.94 11.70 6.36
C MET A 11 28.05 13.08 6.98
N GLN A 12 27.97 14.13 6.14
CA GLN A 12 28.00 15.49 6.68
C GLN A 12 26.80 15.75 7.58
N TYR A 13 25.61 15.32 7.15
CA TYR A 13 24.43 15.45 8.00
C TYR A 13 24.56 14.60 9.26
N LEU A 14 25.19 13.43 9.16
CA LEU A 14 25.33 12.55 10.32
C LEU A 14 26.31 13.13 11.34
N ALA A 15 27.37 13.79 10.89
CA ALA A 15 28.43 14.27 11.75
C ALA A 15 28.06 15.52 12.54
N VAL A 16 26.79 15.94 12.52
CA VAL A 16 26.38 17.09 13.31
C VAL A 16 26.56 16.81 14.80
N GLU A 17 26.17 15.61 15.24
CA GLU A 17 26.31 15.21 16.64
C GLU A 17 27.72 14.69 16.85
N ARG A 18 28.62 15.57 17.26
CA ARG A 18 30.03 15.25 17.45
C ARG A 18 30.33 14.63 18.80
N THR A 19 29.37 14.62 19.71
CA THR A 19 29.58 14.12 21.06
C THR A 19 29.28 12.63 21.20
N ALA A 20 28.78 11.99 20.14
CA ALA A 20 28.45 10.58 20.21
C ALA A 20 28.92 9.85 18.97
N THR A 21 29.52 10.57 18.02
CA THR A 21 30.02 9.98 16.80
C THR A 21 31.50 9.63 16.86
N ILE A 22 32.28 10.37 17.66
CA ILE A 22 33.70 10.09 17.78
C ILE A 22 33.92 8.70 18.36
N THR A 23 33.15 8.33 19.39
CA THR A 23 33.27 6.99 19.97
C THR A 23 32.93 5.90 18.97
N MET A 24 32.09 6.19 17.97
CA MET A 24 31.72 5.18 17.00
C MET A 24 32.92 4.76 16.15
N CYS A 25 33.76 5.73 15.76
CA CYS A 25 34.93 5.40 14.95
C CYS A 25 35.88 4.48 15.70
N VAL A 26 36.17 4.82 16.97
CA VAL A 26 37.10 3.99 17.73
C VAL A 26 36.49 2.63 18.04
N ALA A 27 35.19 2.57 18.31
CA ALA A 27 34.54 1.28 18.55
C ALA A 27 34.59 0.40 17.31
N SER A 28 34.32 0.98 16.14
CA SER A 28 34.38 0.22 14.89
C SER A 28 35.80 -0.25 14.61
N VAL A 29 36.79 0.60 14.84
CA VAL A 29 38.18 0.20 14.63
C VAL A 29 38.55 -0.95 15.56
N LEU A 30 38.15 -0.85 16.83
CA LEU A 30 38.48 -1.91 17.78
C LEU A 30 37.81 -3.22 17.40
N VAL A 31 36.53 -3.19 16.99
CA VAL A 31 35.88 -4.43 16.64
C VAL A 31 36.48 -5.02 15.37
N ALA A 32 36.87 -4.17 14.41
CA ALA A 32 37.55 -4.68 13.22
C ALA A 32 38.87 -5.35 13.58
N LEU A 33 39.65 -4.72 14.46
CA LEU A 33 40.93 -5.31 14.86
C LEU A 33 40.74 -6.64 15.57
N VAL A 34 39.75 -6.72 16.47
CA VAL A 34 39.58 -7.97 17.21
C VAL A 34 39.06 -9.08 16.29
N THR A 35 38.15 -8.74 15.36
CA THR A 35 37.66 -9.78 14.45
C THR A 35 38.71 -10.18 13.44
N LEU A 36 39.69 -9.31 13.17
CA LEU A 36 40.82 -9.72 12.34
C LEU A 36 41.80 -10.59 13.11
N ALA A 37 42.01 -10.29 14.40
CA ALA A 37 42.96 -11.04 15.20
C ALA A 37 42.42 -12.38 15.67
N GLU A 38 41.10 -12.57 15.67
CA GLU A 38 40.55 -13.84 16.14
C GLU A 38 41.03 -15.05 15.33
N PRO A 39 40.98 -15.07 14.00
CA PRO A 39 41.49 -16.25 13.28
C PRO A 39 42.97 -16.49 13.48
N VAL A 40 43.78 -15.44 13.64
CA VAL A 40 45.19 -15.63 13.89
C VAL A 40 45.40 -16.33 15.23
N LEU A 41 44.63 -15.94 16.24
CA LEU A 41 44.73 -16.60 17.54
C LEU A 41 44.24 -18.04 17.45
N PHE A 42 43.20 -18.29 16.64
CA PHE A 42 42.74 -19.65 16.41
C PHE A 42 43.86 -20.50 15.82
N GLY A 43 44.56 -19.96 14.83
CA GLY A 43 45.68 -20.68 14.26
C GLY A 43 46.78 -20.92 15.27
N ARG A 44 47.08 -19.91 16.10
CA ARG A 44 48.13 -20.06 17.10
C ARG A 44 47.79 -21.15 18.10
N VAL A 45 46.54 -21.19 18.58
CA VAL A 45 46.17 -22.20 19.56
C VAL A 45 46.12 -23.59 18.94
N ILE A 46 45.64 -23.73 17.70
CA ILE A 46 45.65 -25.05 17.07
C ILE A 46 47.08 -25.53 16.86
N GLN A 47 47.95 -24.66 16.35
CA GLN A 47 49.35 -25.02 16.14
C GLN A 47 50.17 -24.63 17.37
N SER A 48 50.10 -25.49 18.38
CA SER A 48 50.83 -25.30 19.63
C SER A 48 51.64 -26.56 19.91
N ILE A 49 52.83 -26.65 19.31
CA ILE A 49 53.72 -27.80 19.47
C ILE A 49 52.93 -29.08 19.24
N SER A 50 52.55 -29.33 17.99
CA SER A 50 51.58 -30.38 17.67
C SER A 50 50.30 -30.14 18.45
N ASP A 51 50.16 -30.82 19.59
CA ASP A 51 49.02 -30.56 20.46
C ASP A 51 49.38 -30.58 21.94
N LYS A 52 50.63 -30.26 22.31
CA LYS A 52 51.05 -30.29 23.70
C LYS A 52 51.83 -29.02 24.02
N GLY A 53 51.86 -28.68 25.30
CA GLY A 53 52.55 -27.50 25.77
C GLY A 53 51.63 -26.59 26.56
N ASP A 54 52.19 -25.47 27.01
CA ASP A 54 51.43 -24.48 27.76
C ASP A 54 50.50 -23.73 26.81
N ILE A 55 49.20 -23.98 26.93
CA ILE A 55 48.21 -23.35 26.06
C ILE A 55 47.19 -22.62 26.91
N PHE A 56 47.39 -22.62 28.23
CA PHE A 56 46.45 -21.95 29.13
C PHE A 56 46.41 -20.46 28.86
N SER A 57 47.59 -19.83 28.70
CA SER A 57 47.61 -18.40 28.42
C SER A 57 46.98 -18.05 27.07
N PRO A 58 47.31 -18.72 25.96
CA PRO A 58 46.60 -18.39 24.70
C PRO A 58 45.09 -18.59 24.79
N LEU A 59 44.63 -19.65 25.43
CA LEU A 59 43.19 -19.84 25.59
C LEU A 59 42.58 -18.73 26.42
N LEU A 60 43.24 -18.34 27.51
CA LEU A 60 42.70 -17.28 28.35
C LEU A 60 42.61 -15.96 27.60
N MET A 61 43.65 -15.61 26.86
CA MET A 61 43.64 -14.33 26.15
C MET A 61 42.66 -14.35 24.99
N TRP A 62 42.53 -15.51 24.32
CA TRP A 62 41.51 -15.63 23.27
C TRP A 62 40.11 -15.51 23.85
N ALA A 63 39.86 -16.10 25.00
CA ALA A 63 38.55 -15.97 25.63
C ALA A 63 38.27 -14.53 26.03
N ALA A 64 39.30 -13.83 26.54
CA ALA A 64 39.13 -12.42 26.86
C ALA A 64 38.80 -11.61 25.61
N LEU A 65 39.48 -11.89 24.49
CA LEU A 65 39.18 -11.19 23.26
C LEU A 65 37.77 -11.51 22.76
N GLY A 66 37.34 -12.75 22.90
CA GLY A 66 35.97 -13.10 22.54
C GLY A 66 34.95 -12.38 23.38
N GLY A 67 35.21 -12.27 24.69
CA GLY A 67 34.31 -11.49 25.54
C GLY A 67 34.28 -10.03 25.17
N PHE A 68 35.44 -9.47 24.81
CA PHE A 68 35.47 -8.09 24.35
C PHE A 68 34.65 -7.92 23.08
N ASN A 69 34.75 -8.88 22.16
CA ASN A 69 33.95 -8.85 20.94
C ASN A 69 32.47 -8.92 21.27
N ILE A 70 32.10 -9.76 22.23
CA ILE A 70 30.70 -9.88 22.64
C ILE A 70 30.18 -8.55 23.20
N MET A 71 30.94 -7.93 24.11
CA MET A 71 30.53 -6.66 24.67
C MET A 71 30.43 -5.58 23.60
N ALA A 72 31.39 -5.54 22.68
CA ALA A 72 31.33 -4.57 21.60
C ALA A 72 30.11 -4.80 20.72
N ALA A 73 29.83 -6.05 20.37
CA ALA A 73 28.68 -6.34 19.53
C ALA A 73 27.38 -5.93 20.20
N VAL A 74 27.29 -6.10 21.52
CA VAL A 74 26.09 -5.68 22.22
C VAL A 74 25.97 -4.16 22.26
N PHE A 75 27.07 -3.47 22.61
CA PHE A 75 26.98 -2.04 22.89
C PHE A 75 26.88 -1.19 21.62
N VAL A 76 27.64 -1.56 20.58
CA VAL A 76 27.69 -0.73 19.38
C VAL A 76 26.34 -0.71 18.67
N ALA A 77 25.63 -1.85 18.66
CA ALA A 77 24.32 -1.88 18.03
C ALA A 77 23.35 -0.91 18.70
N ARG A 78 23.32 -0.93 20.04
CA ARG A 78 22.44 -0.01 20.76
C ARG A 78 22.83 1.44 20.53
N GLY A 79 24.13 1.72 20.56
CA GLY A 79 24.58 3.09 20.31
C GLY A 79 24.19 3.57 18.93
N ALA A 80 24.36 2.70 17.92
CA ALA A 80 24.02 3.07 16.56
C ALA A 80 22.52 3.30 16.41
N ASP A 81 21.72 2.44 17.03
CA ASP A 81 20.27 2.62 16.96
C ASP A 81 19.85 3.95 17.59
N ARG A 82 20.40 4.25 18.77
CA ARG A 82 20.04 5.51 19.42
C ARG A 82 20.46 6.71 18.59
N LEU A 83 21.69 6.70 18.08
CA LEU A 83 22.18 7.83 17.31
C LEU A 83 21.38 8.00 16.02
N ALA A 84 21.08 6.90 15.33
CA ALA A 84 20.31 6.99 14.10
C ALA A 84 18.91 7.54 14.35
N HIS A 85 18.25 7.06 15.42
CA HIS A 85 16.91 7.56 15.72
C HIS A 85 16.95 9.05 16.07
N ARG A 86 17.91 9.46 16.88
CA ARG A 86 17.99 10.86 17.26
C ARG A 86 18.25 11.74 16.04
N ARG A 87 19.15 11.32 15.16
CA ARG A 87 19.45 12.09 13.96
C ARG A 87 18.26 12.14 13.02
N ARG A 88 17.52 11.04 12.89
CA ARG A 88 16.32 11.04 12.07
C ARG A 88 15.30 12.04 12.58
N LEU A 89 15.04 12.02 13.89
CA LEU A 89 14.10 12.99 14.46
C LEU A 89 14.59 14.42 14.29
N GLY A 90 15.89 14.64 14.47
CA GLY A 90 16.43 15.98 14.30
C GLY A 90 16.29 16.50 12.87
N VAL A 91 16.60 15.66 11.89
CA VAL A 91 16.47 16.09 10.50
C VAL A 91 15.00 16.29 10.15
N MET A 92 14.11 15.51 10.75
CA MET A 92 12.68 15.76 10.56
C MET A 92 12.29 17.12 11.13
N ILE A 93 12.79 17.46 12.31
CA ILE A 93 12.54 18.79 12.89
C ILE A 93 13.01 19.87 11.93
N ASP A 94 14.23 19.74 11.41
CA ASP A 94 14.76 20.77 10.53
C ASP A 94 13.93 20.90 9.26
N SER A 95 13.59 19.77 8.64
CA SER A 95 12.82 19.82 7.40
C SER A 95 11.44 20.42 7.61
N TYR A 96 10.76 20.00 8.69
CA TYR A 96 9.47 20.61 9.01
C TYR A 96 9.60 22.11 9.22
N GLU A 97 10.55 22.54 10.05
CA GLU A 97 10.65 23.96 10.37
C GLU A 97 11.01 24.77 9.13
N ARG A 98 11.77 24.18 8.22
CA ARG A 98 12.14 24.90 7.00
C ARG A 98 10.99 24.94 6.00
N LEU A 99 10.12 23.91 6.00
CA LEU A 99 9.05 23.83 5.02
C LEU A 99 7.78 24.54 5.46
N ILE A 100 7.54 24.67 6.77
CA ILE A 100 6.31 25.29 7.25
C ILE A 100 6.22 26.77 6.88
N THR A 101 7.34 27.48 6.80
CA THR A 101 7.35 28.87 6.40
C THR A 101 7.45 29.04 4.90
N MET A 102 7.48 27.96 4.15
CA MET A 102 7.61 28.00 2.70
C MET A 102 6.29 28.44 2.09
N PRO A 103 6.31 29.39 1.14
CA PRO A 103 5.06 29.92 0.59
C PRO A 103 4.29 28.86 -0.19
N LEU A 104 2.97 29.08 -0.27
CA LEU A 104 2.07 28.16 -0.95
C LEU A 104 2.30 28.11 -2.45
N ALA A 105 2.91 29.15 -3.04
CA ALA A 105 3.11 29.18 -4.48
C ALA A 105 3.95 28.00 -4.94
N TRP A 106 5.07 27.76 -4.27
CA TRP A 106 5.91 26.63 -4.65
C TRP A 106 5.23 25.30 -4.34
N HIS A 107 4.42 25.26 -3.27
CA HIS A 107 3.69 24.04 -2.95
C HIS A 107 2.75 23.66 -4.07
N GLN A 108 1.97 24.62 -4.58
CA GLN A 108 1.07 24.32 -5.69
C GLN A 108 1.81 24.17 -7.00
N LYS A 109 3.01 24.73 -7.12
CA LYS A 109 3.80 24.52 -8.32
C LYS A 109 4.29 23.09 -8.42
N ARG A 110 4.87 22.56 -7.33
CA ARG A 110 5.41 21.21 -7.34
C ARG A 110 4.45 20.15 -6.79
N GLY A 111 3.30 20.56 -6.28
CA GLY A 111 2.39 19.57 -5.71
C GLY A 111 2.69 19.31 -4.25
N THR A 112 1.68 18.79 -3.55
CA THR A 112 1.79 18.52 -2.12
C THR A 112 1.82 17.04 -1.78
N SER A 113 0.95 16.24 -2.39
CA SER A 113 0.94 14.81 -2.10
C SER A 113 2.26 14.16 -2.47
N ASN A 114 2.80 14.51 -3.65
CA ASN A 114 4.12 14.02 -4.02
C ASN A 114 5.19 14.51 -3.07
N ALA A 115 5.06 15.74 -2.58
CA ALA A 115 6.03 16.27 -1.62
C ALA A 115 6.04 15.44 -0.34
N LEU A 116 4.87 15.14 0.21
CA LEU A 116 4.81 14.29 1.40
C LEU A 116 5.35 12.90 1.12
N HIS A 117 4.94 12.30 0.00
CA HIS A 117 5.38 10.95 -0.32
C HIS A 117 6.90 10.89 -0.38
N THR A 118 7.52 11.83 -1.09
CA THR A 118 8.97 11.83 -1.21
C THR A 118 9.64 12.17 0.13
N LEU A 119 9.05 13.07 0.92
CA LEU A 119 9.69 13.44 2.18
C LEU A 119 9.76 12.27 3.15
N ILE A 120 8.62 11.61 3.41
CA ILE A 120 8.65 10.49 4.35
C ILE A 120 9.41 9.31 3.77
N ARG A 121 9.28 9.06 2.47
CA ARG A 121 10.04 7.96 1.87
C ARG A 121 11.54 8.19 2.00
N ALA A 122 11.99 9.41 1.73
CA ALA A 122 13.42 9.72 1.82
C ALA A 122 13.89 9.70 3.26
N THR A 123 13.05 10.13 4.21
CA THR A 123 13.45 10.05 5.60
C THR A 123 13.64 8.61 6.04
N ASP A 124 12.74 7.72 5.63
CA ASP A 124 12.89 6.30 5.96
C ASP A 124 14.15 5.72 5.31
N SER A 125 14.38 6.03 4.04
CA SER A 125 15.55 5.50 3.35
C SER A 125 16.85 6.02 3.95
N LEU A 126 16.89 7.31 4.28
CA LEU A 126 18.06 7.91 4.91
C LEU A 126 18.31 7.36 6.30
N PHE A 127 17.26 7.09 7.07
CA PHE A 127 17.43 6.40 8.35
C PHE A 127 17.99 5.00 8.15
N THR A 128 17.51 4.28 7.13
CA THR A 128 18.07 2.96 6.84
C THR A 128 19.55 3.05 6.52
N LEU A 129 19.92 4.06 5.73
CA LEU A 129 21.33 4.23 5.38
C LEU A 129 22.19 4.60 6.59
N TRP A 130 21.67 5.47 7.47
CA TRP A 130 22.43 5.87 8.66
C TRP A 130 22.66 4.72 9.62
N LEU A 131 21.71 3.80 9.77
CA LEU A 131 21.78 2.75 10.78
C LEU A 131 22.61 1.57 10.30
N GLU A 132 22.27 0.99 9.16
CA GLU A 132 22.94 -0.21 8.70
C GLU A 132 24.43 0.05 8.46
N PHE A 133 24.79 1.29 8.15
CA PHE A 133 26.19 1.62 7.88
C PHE A 133 27.02 1.75 9.15
N MET A 134 26.39 1.92 10.31
CA MET A 134 27.09 2.01 11.59
C MET A 134 27.38 0.66 12.24
N ARG A 135 26.80 -0.43 11.75
CA ARG A 135 26.93 -1.71 12.44
C ARG A 135 27.78 -2.66 11.62
N GLN A 136 27.42 -2.94 10.37
CA GLN A 136 28.02 -4.03 9.61
C GLN A 136 28.69 -3.54 8.33
N HIS A 137 28.67 -2.24 8.06
CA HIS A 137 29.28 -1.75 6.84
C HIS A 137 30.34 -0.68 7.02
N LEU A 138 30.57 -0.17 8.24
CA LEU A 138 31.73 0.67 8.48
C LEU A 138 32.93 -0.12 8.96
N THR A 139 32.72 -1.14 9.79
CA THR A 139 33.82 -1.97 10.26
C THR A 139 34.42 -2.83 9.16
N THR A 140 33.64 -3.19 8.13
CA THR A 140 34.16 -4.07 7.09
C THR A 140 35.25 -3.37 6.27
N VAL A 141 35.10 -2.07 6.02
CA VAL A 141 36.10 -1.35 5.24
C VAL A 141 37.43 -1.31 6.00
N VAL A 142 37.37 -1.01 7.29
CA VAL A 142 38.58 -1.00 8.10
C VAL A 142 39.18 -2.40 8.17
N ALA A 143 38.33 -3.43 8.31
CA ALA A 143 38.83 -4.80 8.39
C ALA A 143 39.56 -5.18 7.10
N LEU A 144 39.01 -4.84 5.94
CA LEU A 144 39.68 -5.14 4.68
C LEU A 144 40.98 -4.35 4.54
N ALA A 145 40.95 -3.06 4.88
CA ALA A 145 42.13 -2.23 4.73
C ALA A 145 43.26 -2.68 5.66
N THR A 146 42.91 -3.29 6.79
CA THR A 146 43.93 -3.85 7.67
C THR A 146 44.33 -5.27 7.26
N LEU A 147 43.42 -6.02 6.64
CA LEU A 147 43.69 -7.38 6.21
C LEU A 147 44.65 -7.45 5.02
N ILE A 148 44.51 -6.54 4.06
CA ILE A 148 45.33 -6.60 2.85
C ILE A 148 46.82 -6.60 3.17
N PRO A 149 47.34 -5.66 3.98
CA PRO A 149 48.78 -5.69 4.26
C PRO A 149 49.20 -6.85 5.14
N VAL A 150 48.39 -7.20 6.15
CA VAL A 150 48.73 -8.32 7.02
C VAL A 150 48.80 -9.61 6.21
N ALA A 151 47.79 -9.86 5.38
CA ALA A 151 47.79 -11.06 4.55
C ALA A 151 48.93 -11.04 3.54
N MET A 152 49.21 -9.88 2.95
CA MET A 152 50.30 -9.79 1.98
C MET A 152 51.63 -10.14 2.64
N THR A 153 51.94 -9.50 3.77
CA THR A 153 53.21 -9.75 4.45
C THR A 153 53.26 -11.13 5.08
N MET A 154 52.12 -11.78 5.31
CA MET A 154 52.14 -13.16 5.76
C MET A 154 52.47 -14.11 4.62
N ASP A 155 51.64 -14.10 3.58
CA ASP A 155 51.91 -14.93 2.40
C ASP A 155 51.30 -14.23 1.18
N MET A 156 52.12 -13.42 0.50
CA MET A 156 51.68 -12.68 -0.67
C MET A 156 51.04 -13.53 -1.77
N ARG A 157 51.50 -14.77 -1.96
CA ARG A 157 50.93 -15.61 -3.01
C ARG A 157 49.51 -16.02 -2.67
N MET A 158 49.28 -16.48 -1.44
CA MET A 158 47.92 -16.75 -1.02
C MET A 158 47.08 -15.48 -0.98
N SER A 159 47.71 -14.34 -0.69
CA SER A 159 46.99 -13.08 -0.68
C SER A 159 46.47 -12.74 -2.08
N LEU A 160 47.31 -12.92 -3.10
CA LEU A 160 46.87 -12.62 -4.46
C LEU A 160 45.85 -13.64 -4.94
N VAL A 161 45.98 -14.91 -4.53
CA VAL A 161 44.92 -15.87 -4.83
C VAL A 161 43.60 -15.44 -4.20
N LEU A 162 43.67 -14.96 -2.96
CA LEU A 162 42.49 -14.48 -2.25
C LEU A 162 41.86 -13.29 -2.96
N ILE A 163 42.68 -12.35 -3.41
CA ILE A 163 42.16 -11.19 -4.15
C ILE A 163 41.52 -11.63 -5.46
N VAL A 164 42.12 -12.58 -6.16
CA VAL A 164 41.54 -13.08 -7.39
C VAL A 164 40.17 -13.70 -7.12
N LEU A 165 40.07 -14.50 -6.06
CA LEU A 165 38.78 -15.08 -5.70
C LEU A 165 37.75 -14.00 -5.38
N GLY A 166 38.15 -12.99 -4.63
CA GLY A 166 37.22 -11.91 -4.29
C GLY A 166 36.73 -11.17 -5.52
N VAL A 167 37.63 -10.84 -6.44
CA VAL A 167 37.22 -10.05 -7.60
C VAL A 167 36.35 -10.88 -8.54
N ILE A 168 36.68 -12.17 -8.72
CA ILE A 168 35.82 -12.97 -9.57
C ILE A 168 34.45 -13.15 -8.93
N TYR A 169 34.40 -13.27 -7.59
CA TYR A 169 33.11 -13.39 -6.92
C TYR A 169 32.26 -12.14 -7.10
N VAL A 170 32.88 -10.96 -6.94
CA VAL A 170 32.09 -9.74 -7.09
C VAL A 170 31.65 -9.55 -8.55
N MET A 171 32.49 -9.92 -9.51
CA MET A 171 32.09 -9.82 -10.91
C MET A 171 30.90 -10.70 -11.22
N ILE A 172 30.95 -11.97 -10.78
CA ILE A 172 29.83 -12.86 -11.09
C ILE A 172 28.58 -12.42 -10.34
N GLY A 173 28.73 -11.90 -9.12
CA GLY A 173 27.57 -11.36 -8.42
C GLY A 173 26.93 -10.20 -9.15
N GLN A 174 27.75 -9.29 -9.68
CA GLN A 174 27.22 -8.16 -10.43
C GLN A 174 26.51 -8.63 -11.70
N LEU A 175 27.08 -9.62 -12.39
CA LEU A 175 26.43 -10.15 -13.59
C LEU A 175 25.07 -10.76 -13.25
N VAL A 176 25.01 -11.53 -12.16
CA VAL A 176 23.75 -12.13 -11.73
C VAL A 176 22.74 -11.05 -11.41
N MET A 177 23.15 -10.01 -10.69
CA MET A 177 22.24 -8.94 -10.34
C MET A 177 21.68 -8.25 -11.58
N ARG A 178 22.55 -7.96 -12.56
CA ARG A 178 22.08 -7.26 -13.74
C ARG A 178 21.13 -8.14 -14.57
N LYS A 179 21.40 -9.43 -14.65
CA LYS A 179 20.49 -10.31 -15.38
C LYS A 179 19.13 -10.38 -14.70
N THR A 180 19.12 -10.48 -13.37
CA THR A 180 17.86 -10.49 -12.64
C THR A 180 17.08 -9.21 -12.87
N LYS A 181 17.75 -8.06 -12.78
CA LYS A 181 17.07 -6.79 -13.01
C LYS A 181 16.57 -6.65 -14.44
N ASP A 182 17.28 -7.24 -15.41
CA ASP A 182 16.78 -7.23 -16.78
C ASP A 182 15.51 -8.06 -16.92
N GLY A 183 15.45 -9.22 -16.25
CA GLY A 183 14.24 -10.03 -16.31
C GLY A 183 13.06 -9.46 -15.54
N GLN A 184 13.31 -8.67 -14.53
CA GLN A 184 12.13 -8.24 -13.77
C GLN A 184 11.14 -7.50 -14.65
N ALA A 185 11.55 -6.63 -15.56
CA ALA A 185 10.54 -5.85 -16.30
C ALA A 185 9.47 -6.76 -16.88
N ALA A 186 9.89 -7.78 -17.64
CA ALA A 186 8.93 -8.68 -18.27
C ALA A 186 8.17 -9.49 -17.22
N VAL A 187 8.87 -10.01 -16.21
CA VAL A 187 8.17 -10.86 -15.26
C VAL A 187 7.12 -10.07 -14.49
N GLU A 188 7.35 -8.81 -14.18
CA GLU A 188 6.32 -8.11 -13.36
C GLU A 188 5.23 -7.65 -14.31
N LYS A 189 5.61 -7.28 -15.52
CA LYS A 189 4.54 -6.93 -16.44
C LYS A 189 3.51 -8.06 -16.51
N HIS A 190 3.97 -9.28 -16.79
CA HIS A 190 3.03 -10.40 -16.91
C HIS A 190 2.34 -10.69 -15.58
N HIS A 191 3.09 -10.62 -14.47
CA HIS A 191 2.53 -10.89 -13.15
C HIS A 191 1.42 -9.92 -12.78
N HIS A 192 1.68 -8.62 -12.89
CA HIS A 192 0.66 -7.63 -12.57
C HIS A 192 -0.50 -7.71 -13.54
N LYS A 193 -0.24 -8.03 -14.81
CA LYS A 193 -1.36 -8.17 -15.75
C LYS A 193 -2.29 -9.30 -15.33
N LEU A 194 -1.73 -10.46 -14.99
CA LEU A 194 -2.56 -11.59 -14.62
C LEU A 194 -3.33 -11.32 -13.33
N PHE A 195 -2.67 -10.72 -12.33
CA PHE A 195 -3.38 -10.44 -11.08
C PHE A 195 -4.43 -9.36 -11.25
N GLU A 196 -4.17 -8.36 -12.10
CA GLU A 196 -5.21 -7.38 -12.38
C GLU A 196 -6.41 -8.04 -13.03
N HIS A 197 -6.16 -8.93 -14.00
CA HIS A 197 -7.25 -9.65 -14.64
C HIS A 197 -8.08 -10.43 -13.62
N VAL A 198 -7.41 -11.20 -12.75
CA VAL A 198 -8.17 -12.02 -11.82
C VAL A 198 -8.90 -11.17 -10.79
N SER A 199 -8.28 -10.07 -10.33
CA SER A 199 -8.96 -9.19 -9.40
C SER A 199 -10.21 -8.58 -10.02
N ASP A 200 -10.11 -8.12 -11.26
CA ASP A 200 -11.27 -7.55 -11.93
C ASP A 200 -12.36 -8.60 -12.13
N THR A 201 -11.98 -9.76 -12.63
CA THR A 201 -12.97 -10.79 -12.98
C THR A 201 -13.54 -11.50 -11.77
N ILE A 202 -12.99 -11.29 -10.57
CA ILE A 202 -13.65 -11.82 -9.39
C ILE A 202 -14.42 -10.73 -8.65
N SER A 203 -13.88 -9.52 -8.56
CA SER A 203 -14.56 -8.40 -7.92
C SER A 203 -15.77 -7.92 -8.70
N ASN A 204 -15.84 -8.20 -10.00
CA ASN A 204 -17.04 -7.86 -10.76
C ASN A 204 -18.24 -8.62 -10.24
N VAL A 205 -18.08 -9.93 -9.98
CA VAL A 205 -18.99 -10.84 -9.29
C VAL A 205 -20.43 -10.68 -9.79
N SER A 206 -20.60 -9.99 -10.92
CA SER A 206 -21.92 -9.79 -11.49
C SER A 206 -21.92 -9.99 -12.99
N VAL A 207 -20.77 -10.20 -13.61
CA VAL A 207 -20.71 -10.34 -15.06
C VAL A 207 -20.06 -11.66 -15.44
N VAL A 208 -19.32 -12.27 -14.51
CA VAL A 208 -18.87 -13.64 -14.73
C VAL A 208 -20.05 -14.59 -14.76
N GLN A 209 -21.14 -14.26 -14.08
CA GLN A 209 -22.37 -15.03 -14.14
C GLN A 209 -23.45 -14.38 -15.00
N SER A 210 -23.19 -13.18 -15.53
CA SER A 210 -24.12 -12.55 -16.47
C SER A 210 -23.71 -12.74 -17.93
N TYR A 211 -22.77 -13.63 -18.21
CA TYR A 211 -22.35 -13.84 -19.60
C TYR A 211 -22.37 -15.31 -20.01
N ASN A 212 -22.47 -16.24 -19.06
CA ASN A 212 -22.32 -17.67 -19.34
C ASN A 212 -20.98 -17.93 -20.04
N ARG A 213 -19.91 -17.38 -19.46
CA ARG A 213 -18.59 -17.55 -20.04
C ARG A 213 -17.60 -18.13 -19.05
N ILE A 214 -18.01 -19.18 -18.34
CA ILE A 214 -17.09 -19.89 -17.47
C ILE A 214 -15.97 -20.52 -18.29
N ALA A 215 -16.33 -21.20 -19.39
CA ALA A 215 -15.34 -21.87 -20.21
C ALA A 215 -14.40 -20.87 -20.87
N SER A 216 -14.95 -19.78 -21.42
CA SER A 216 -14.11 -18.81 -22.12
C SER A 216 -13.15 -18.12 -21.16
N GLU A 217 -13.65 -17.71 -19.99
CA GLU A 217 -12.79 -17.08 -19.00
C GLU A 217 -11.72 -18.04 -18.51
N THR A 218 -12.10 -19.29 -18.27
CA THR A 218 -11.12 -20.28 -17.83
C THR A 218 -10.04 -20.49 -18.89
N GLN A 219 -10.43 -20.59 -20.16
CA GLN A 219 -9.46 -20.77 -21.23
C GLN A 219 -8.54 -19.56 -21.34
N ALA A 220 -9.09 -18.35 -21.23
CA ALA A 220 -8.27 -17.15 -21.31
C ALA A 220 -7.27 -17.09 -20.16
N LEU A 221 -7.70 -17.43 -18.95
CA LEU A 221 -6.78 -17.36 -17.83
C LEU A 221 -5.76 -18.48 -17.89
N ARG A 222 -6.13 -19.64 -18.43
CA ARG A 222 -5.16 -20.69 -18.70
C ARG A 222 -4.10 -20.22 -19.69
N ASP A 223 -4.52 -19.52 -20.74
CA ASP A 223 -3.56 -18.99 -21.70
C ASP A 223 -2.64 -17.96 -21.05
N TYR A 224 -3.20 -17.11 -20.19
CA TYR A 224 -2.37 -16.14 -19.47
C TYR A 224 -1.35 -16.84 -18.58
N ALA A 225 -1.78 -17.89 -17.87
CA ALA A 225 -0.86 -18.64 -17.02
C ALA A 225 0.23 -19.31 -17.85
N LYS A 226 -0.14 -19.88 -19.00
CA LYS A 226 0.85 -20.49 -19.86
C LYS A 226 1.86 -19.47 -20.37
N ASN A 227 1.38 -18.28 -20.74
CA ASN A 227 2.29 -17.22 -21.18
C ASN A 227 3.22 -16.81 -20.05
N LEU A 228 2.70 -16.68 -18.83
CA LEU A 228 3.55 -16.32 -17.71
C LEU A 228 4.60 -17.39 -17.43
N GLU A 229 4.21 -18.66 -17.53
CA GLU A 229 5.17 -19.74 -17.34
C GLU A 229 6.24 -19.74 -18.43
N ASN A 230 5.84 -19.48 -19.68
CA ASN A 230 6.81 -19.43 -20.77
C ASN A 230 7.74 -18.24 -20.62
N ALA A 231 7.27 -17.16 -20.00
CA ALA A 231 8.15 -16.03 -19.73
C ALA A 231 9.07 -16.29 -18.54
N GLN A 232 8.60 -17.06 -17.55
CA GLN A 232 9.42 -17.40 -16.39
C GLN A 232 10.48 -18.44 -16.70
N PHE A 233 10.22 -19.34 -17.64
CA PHE A 233 11.17 -20.42 -17.93
C PHE A 233 12.58 -19.94 -18.26
N PRO A 234 12.78 -18.94 -19.14
CA PRO A 234 14.16 -18.51 -19.44
C PRO A 234 14.94 -18.04 -18.23
N VAL A 235 14.30 -17.38 -17.26
CA VAL A 235 15.02 -16.92 -16.08
C VAL A 235 14.65 -17.80 -14.89
N LEU A 236 15.38 -18.90 -14.72
CA LEU A 236 15.23 -19.74 -13.53
C LEU A 236 16.58 -19.93 -12.85
N ASN A 237 17.62 -20.18 -13.65
CA ASN A 237 18.94 -20.44 -13.11
C ASN A 237 19.47 -19.22 -12.37
N TRP A 238 19.22 -18.02 -12.90
CA TRP A 238 19.77 -16.82 -12.30
C TRP A 238 19.20 -16.59 -10.91
N TRP A 239 17.96 -17.02 -10.66
CA TRP A 239 17.43 -16.95 -9.31
C TRP A 239 18.21 -17.86 -8.37
N ALA A 240 18.53 -19.07 -8.83
CA ALA A 240 19.33 -19.97 -8.00
C ALA A 240 20.70 -19.38 -7.70
N LEU A 241 21.31 -18.75 -8.70
CA LEU A 241 22.58 -18.09 -8.49
C LEU A 241 22.46 -16.97 -7.47
N ALA A 242 21.48 -16.08 -7.65
CA ALA A 242 21.29 -14.97 -6.74
C ALA A 242 20.90 -15.41 -5.33
N SER A 243 20.38 -16.63 -5.20
CA SER A 243 19.98 -17.15 -3.90
C SER A 243 21.09 -17.92 -3.19
N GLY A 244 22.03 -18.49 -3.93
CA GLY A 244 23.02 -19.32 -3.28
C GLY A 244 24.48 -19.02 -3.61
N LEU A 245 24.75 -17.91 -4.29
CA LEU A 245 26.11 -17.63 -4.73
C LEU A 245 27.04 -17.36 -3.56
N ASN A 246 26.52 -16.83 -2.45
CA ASN A 246 27.33 -16.64 -1.26
C ASN A 246 27.92 -17.95 -0.79
N ARG A 247 27.08 -18.98 -0.63
CA ARG A 247 27.56 -20.29 -0.22
C ARG A 247 28.43 -20.93 -1.30
N MET A 248 28.05 -20.74 -2.57
CA MET A 248 28.86 -21.19 -3.70
C MET A 248 30.31 -20.73 -3.54
N ALA A 249 30.52 -19.42 -3.50
CA ALA A 249 31.86 -18.87 -3.45
C ALA A 249 32.55 -19.23 -2.15
N SER A 250 31.82 -19.24 -1.03
CA SER A 250 32.43 -19.61 0.24
C SER A 250 33.03 -21.01 0.17
N THR A 251 32.23 -21.98 -0.27
CA THR A 251 32.71 -23.35 -0.34
C THR A 251 33.86 -23.48 -1.34
N PHE A 252 33.72 -22.85 -2.51
CA PHE A 252 34.78 -22.96 -3.52
C PHE A 252 36.10 -22.39 -3.01
N SER A 253 36.04 -21.20 -2.40
CA SER A 253 37.25 -20.58 -1.88
C SER A 253 37.87 -21.42 -0.77
N MET A 254 37.03 -21.94 0.14
CA MET A 254 37.56 -22.77 1.22
C MET A 254 38.27 -23.99 0.67
N VAL A 255 37.65 -24.68 -0.29
CA VAL A 255 38.25 -25.88 -0.85
C VAL A 255 39.56 -25.55 -1.55
N VAL A 256 39.57 -24.49 -2.37
CA VAL A 256 40.77 -24.19 -3.15
C VAL A 256 41.91 -23.75 -2.24
N VAL A 257 41.62 -22.94 -1.22
CA VAL A 257 42.68 -22.48 -0.33
C VAL A 257 43.21 -23.63 0.51
N LEU A 258 42.33 -24.54 0.96
CA LEU A 258 42.81 -25.66 1.75
C LEU A 258 43.65 -26.62 0.93
N VAL A 259 43.23 -26.91 -0.31
CA VAL A 259 44.02 -27.82 -1.13
C VAL A 259 45.35 -27.17 -1.51
N LEU A 260 45.37 -25.87 -1.77
CA LEU A 260 46.63 -25.20 -2.07
C LEU A 260 47.56 -25.22 -0.85
N GLY A 261 47.02 -24.97 0.34
CA GLY A 261 47.84 -25.02 1.53
C GLY A 261 48.39 -26.41 1.80
N ALA A 262 47.56 -27.43 1.61
CA ALA A 262 48.04 -28.80 1.78
C ALA A 262 49.12 -29.15 0.77
N TYR A 263 48.95 -28.69 -0.48
CA TYR A 263 49.97 -28.93 -1.49
C TYR A 263 51.29 -28.27 -1.12
N PHE A 264 51.24 -27.05 -0.59
CA PHE A 264 52.48 -26.41 -0.15
C PHE A 264 53.07 -27.09 1.08
N VAL A 265 52.23 -27.59 1.99
CA VAL A 265 52.74 -28.29 3.16
C VAL A 265 53.38 -29.62 2.75
N THR A 266 52.92 -30.22 1.65
CA THR A 266 53.50 -31.47 1.19
C THR A 266 55.00 -31.38 1.03
N LYS A 267 55.50 -30.31 0.40
CA LYS A 267 56.93 -30.04 0.40
C LYS A 267 57.41 -29.71 1.81
N GLY A 268 56.74 -28.77 2.45
CA GLY A 268 56.97 -28.43 3.85
C GLY A 268 57.69 -27.12 4.03
N GLN A 269 56.93 -26.04 4.24
CA GLN A 269 57.54 -24.78 4.63
C GLN A 269 56.66 -23.98 5.60
N MET A 270 55.53 -24.53 6.05
CA MET A 270 54.55 -23.78 6.83
C MET A 270 53.93 -24.73 7.85
N ARG A 271 52.79 -24.34 8.41
CA ARG A 271 52.10 -25.09 9.45
C ARG A 271 50.61 -25.14 9.12
N VAL A 272 49.82 -25.56 10.09
CA VAL A 272 48.38 -25.62 9.90
C VAL A 272 47.65 -24.40 10.46
N GLY A 273 48.23 -23.71 11.45
CA GLY A 273 47.57 -22.57 12.04
C GLY A 273 47.36 -21.44 11.05
N ASP A 274 48.38 -21.13 10.26
CA ASP A 274 48.24 -20.12 9.23
C ASP A 274 47.23 -20.55 8.16
N VAL A 275 47.15 -21.86 7.88
CA VAL A 275 46.18 -22.34 6.90
C VAL A 275 44.75 -22.11 7.40
N ILE A 276 44.48 -22.48 8.65
CA ILE A 276 43.12 -22.28 9.15
C ILE A 276 42.83 -20.78 9.33
N ALA A 277 43.86 -19.98 9.64
CA ALA A 277 43.67 -18.54 9.68
C ALA A 277 43.29 -18.00 8.31
N PHE A 278 43.92 -18.51 7.25
CA PHE A 278 43.56 -18.10 5.90
C PHE A 278 42.14 -18.54 5.56
N ILE A 279 41.73 -19.72 6.02
CA ILE A 279 40.36 -20.18 5.78
C ILE A 279 39.38 -19.23 6.45
N GLY A 280 39.67 -18.85 7.70
CA GLY A 280 38.82 -17.89 8.38
C GLY A 280 38.78 -16.55 7.67
N PHE A 281 39.94 -16.10 7.17
CA PHE A 281 39.98 -14.86 6.39
C PHE A 281 39.09 -14.96 5.16
N ALA A 282 39.15 -16.10 4.47
CA ALA A 282 38.35 -16.27 3.26
C ALA A 282 36.86 -16.22 3.57
N GLN A 283 36.41 -16.95 4.59
CA GLN A 283 34.98 -16.93 4.91
C GLN A 283 34.54 -15.54 5.38
N LEU A 284 35.38 -14.88 6.19
CA LEU A 284 35.04 -13.55 6.67
C LEU A 284 34.89 -12.55 5.52
N MET A 285 35.84 -12.57 4.59
CA MET A 285 35.75 -11.61 3.49
C MET A 285 34.60 -11.96 2.56
N ILE A 286 34.30 -13.25 2.38
CA ILE A 286 33.16 -13.61 1.55
C ILE A 286 31.87 -13.06 2.14
N GLY A 287 31.66 -13.25 3.45
CA GLY A 287 30.48 -12.70 4.09
C GLY A 287 30.43 -11.19 3.99
N ARG A 288 31.56 -10.51 4.25
CA ARG A 288 31.56 -9.05 4.22
C ARG A 288 31.32 -8.52 2.81
N LEU A 289 31.85 -9.20 1.79
CA LEU A 289 31.60 -8.78 0.42
C LEU A 289 30.13 -8.98 0.05
N ASP A 290 29.51 -10.05 0.55
CA ASP A 290 28.07 -10.20 0.34
C ASP A 290 27.30 -9.04 0.96
N GLN A 291 27.66 -8.68 2.20
CA GLN A 291 26.98 -7.56 2.85
C GLN A 291 27.19 -6.26 2.09
N ILE A 292 28.40 -6.03 1.61
CA ILE A 292 28.70 -4.80 0.87
C ILE A 292 27.91 -4.77 -0.44
N SER A 293 27.82 -5.89 -1.13
CA SER A 293 27.05 -5.94 -2.38
C SER A 293 25.58 -5.65 -2.12
N ALA A 294 25.02 -6.22 -1.05
CA ALA A 294 23.64 -5.92 -0.70
C ALA A 294 23.44 -4.44 -0.40
N PHE A 295 24.38 -3.85 0.34
CA PHE A 295 24.31 -2.43 0.67
C PHE A 295 24.36 -1.58 -0.59
N ILE A 296 25.24 -1.91 -1.53
CA ILE A 296 25.35 -1.13 -2.75
C ILE A 296 24.09 -1.27 -3.59
N ASN A 297 23.50 -2.47 -3.63
CA ASN A 297 22.24 -2.64 -4.33
C ASN A 297 21.15 -1.77 -3.73
N GLN A 298 21.04 -1.76 -2.40
CA GLN A 298 20.03 -0.94 -1.75
C GLN A 298 20.25 0.54 -2.02
N THR A 299 21.51 0.98 -1.98
CA THR A 299 21.82 2.39 -2.26
C THR A 299 21.48 2.76 -3.70
N VAL A 300 21.76 1.87 -4.65
CA VAL A 300 21.40 2.14 -6.04
C VAL A 300 19.89 2.24 -6.18
N THR A 301 19.14 1.37 -5.50
CA THR A 301 17.70 1.46 -5.56
C THR A 301 17.18 2.77 -4.97
N ALA A 302 17.76 3.25 -3.89
CA ALA A 302 17.28 4.45 -3.21
C ALA A 302 17.93 5.74 -3.69
N ARG A 303 18.85 5.65 -4.66
CA ARG A 303 19.57 6.83 -5.11
C ARG A 303 18.63 7.89 -5.67
N ALA A 304 17.63 7.48 -6.45
CA ALA A 304 16.69 8.45 -7.02
C ALA A 304 15.96 9.22 -5.93
N LYS A 305 15.48 8.51 -4.91
CA LYS A 305 14.74 9.17 -3.84
C LYS A 305 15.65 10.11 -3.04
N LEU A 306 16.87 9.67 -2.73
CA LEU A 306 17.80 10.53 -2.01
C LEU A 306 18.16 11.77 -2.82
N GLU A 307 18.39 11.59 -4.12
CA GLU A 307 18.72 12.74 -4.98
C GLU A 307 17.57 13.72 -5.04
N GLU A 308 16.34 13.22 -5.16
CA GLU A 308 15.18 14.11 -5.18
C GLU A 308 15.04 14.87 -3.86
N PHE A 309 15.23 14.18 -2.73
CA PHE A 309 15.15 14.86 -1.44
C PHE A 309 16.22 15.93 -1.31
N PHE A 310 17.45 15.62 -1.72
CA PHE A 310 18.52 16.60 -1.65
C PHE A 310 18.22 17.81 -2.54
N GLN A 311 17.71 17.56 -3.74
CA GLN A 311 17.35 18.66 -4.63
C GLN A 311 16.26 19.53 -4.02
N MET A 312 15.24 18.91 -3.41
CA MET A 312 14.18 19.68 -2.78
C MET A 312 14.72 20.50 -1.62
N GLU A 313 15.60 19.90 -0.82
CA GLU A 313 16.17 20.63 0.32
C GLU A 313 17.00 21.82 -0.15
N ASP A 314 17.80 21.64 -1.19
CA ASP A 314 18.56 22.76 -1.74
C ASP A 314 17.65 23.83 -2.31
N ALA A 315 16.55 23.42 -2.98
CA ALA A 315 15.62 24.39 -3.53
C ALA A 315 14.96 25.22 -2.44
N THR A 316 14.57 24.58 -1.33
CA THR A 316 13.92 25.28 -0.24
C THR A 316 14.92 25.91 0.73
N ALA A 317 16.23 25.71 0.51
CA ALA A 317 17.23 26.25 1.40
C ALA A 317 17.31 27.78 1.28
N ASP A 318 17.46 28.28 0.07
CA ASP A 318 17.62 29.72 -0.11
C ASP A 318 16.29 30.43 0.13
N ARG A 319 16.23 31.21 1.20
CA ARG A 319 15.01 31.92 1.57
C ARG A 319 15.30 33.37 1.93
N GLN A 320 14.31 34.06 2.48
CA GLN A 320 14.43 35.46 2.86
C GLN A 320 15.34 35.61 4.08
N GLU A 321 15.65 36.86 4.40
CA GLU A 321 16.52 37.17 5.52
C GLU A 321 15.70 37.66 6.70
N PRO A 322 15.72 36.97 7.83
CA PRO A 322 14.99 37.45 9.00
C PRO A 322 15.55 38.78 9.49
N GLU A 323 14.66 39.66 9.95
CA GLU A 323 15.04 40.96 10.44
C GLU A 323 13.92 41.51 11.32
N ASN A 324 14.29 42.46 12.18
CA ASN A 324 13.32 43.13 13.06
C ASN A 324 12.87 44.43 12.41
N VAL A 325 12.13 44.28 11.31
CA VAL A 325 11.62 45.44 10.58
C VAL A 325 10.36 45.96 11.26
N ALA A 326 10.08 47.25 11.04
CA ALA A 326 8.94 47.90 11.66
C ALA A 326 7.63 47.31 11.15
N ASP A 327 6.70 47.07 12.05
CA ASP A 327 5.40 46.51 11.75
C ASP A 327 4.33 47.60 11.89
N LEU A 328 3.07 47.20 11.71
CA LEU A 328 1.94 48.12 11.80
C LEU A 328 1.05 47.73 12.97
N ASN A 329 0.39 48.74 13.55
CA ASN A 329 -0.51 48.54 14.68
C ASN A 329 -1.79 49.33 14.45
N ASP A 330 -2.89 48.80 14.98
CA ASP A 330 -4.21 49.45 14.92
C ASP A 330 -4.59 49.75 13.46
N VAL A 331 -4.72 48.68 12.70
CA VAL A 331 -5.09 48.78 11.28
C VAL A 331 -6.50 49.32 11.16
N LYS A 332 -6.73 50.16 10.14
CA LYS A 332 -8.04 50.75 9.93
C LYS A 332 -8.74 50.08 8.76
N GLY A 333 -8.06 49.96 7.63
CA GLY A 333 -8.64 49.31 6.46
C GLY A 333 -8.67 50.19 5.23
N ASP A 334 -7.78 51.17 5.16
CA ASP A 334 -7.68 52.09 4.02
C ASP A 334 -6.55 51.59 3.11
N ILE A 335 -6.89 50.70 2.19
CA ILE A 335 -5.92 50.08 1.30
C ILE A 335 -6.03 50.73 -0.08
N VAL A 336 -4.89 51.07 -0.66
CA VAL A 336 -4.82 51.67 -1.99
C VAL A 336 -4.03 50.76 -2.90
N PHE A 337 -4.52 50.57 -4.12
CA PHE A 337 -3.85 49.77 -5.14
C PHE A 337 -3.59 50.65 -6.36
N ASP A 338 -2.39 50.54 -6.92
CA ASP A 338 -2.00 51.34 -8.08
C ASP A 338 -1.10 50.51 -8.98
N ASN A 339 -1.55 50.29 -10.22
CA ASN A 339 -0.76 49.64 -11.26
C ASN A 339 -0.31 48.24 -10.83
N VAL A 340 -1.16 47.55 -10.09
CA VAL A 340 -0.82 46.20 -9.64
C VAL A 340 -1.04 45.22 -10.78
N THR A 341 -0.03 44.37 -11.02
CA THR A 341 -0.11 43.38 -12.10
C THR A 341 0.78 42.20 -11.73
N TYR A 342 0.25 40.99 -11.88
CA TYR A 342 1.01 39.77 -11.60
C TYR A 342 0.61 38.71 -12.60
N GLU A 343 1.58 37.90 -13.01
CA GLU A 343 1.37 36.82 -13.98
C GLU A 343 1.45 35.48 -13.26
N PHE A 344 0.33 34.77 -13.23
CA PHE A 344 0.26 33.48 -12.57
C PHE A 344 0.92 32.35 -13.38
N PRO A 345 0.54 32.12 -14.64
CA PRO A 345 1.12 30.99 -15.38
C PRO A 345 2.37 31.31 -16.17
N ASN A 346 2.89 32.54 -16.09
CA ASN A 346 4.08 32.97 -16.83
C ASN A 346 3.87 32.83 -18.34
N SER A 347 2.62 32.85 -18.79
CA SER A 347 2.29 32.75 -20.21
C SER A 347 1.16 33.72 -20.55
N GLY A 348 1.09 34.84 -19.83
CA GLY A 348 0.04 35.81 -20.05
C GLY A 348 -0.59 36.28 -18.75
N GLN A 349 -0.61 37.59 -18.54
CA GLN A 349 -1.16 38.15 -17.31
C GLN A 349 -2.68 38.02 -17.31
N GLY A 350 -3.24 37.77 -16.12
CA GLY A 350 -4.67 37.67 -15.97
C GLY A 350 -5.30 39.00 -15.60
N VAL A 351 -4.59 39.80 -14.82
CA VAL A 351 -5.06 41.11 -14.39
C VAL A 351 -4.19 42.19 -15.03
N TYR A 352 -4.77 43.37 -15.18
CA TYR A 352 -4.09 44.53 -15.74
C TYR A 352 -3.93 45.59 -14.66
N ASP A 353 -3.36 46.73 -15.04
CA ASP A 353 -3.17 47.82 -14.09
C ASP A 353 -4.51 48.40 -13.65
N VAL A 354 -4.62 48.72 -12.37
CA VAL A 354 -5.84 49.25 -11.80
C VAL A 354 -5.49 50.20 -10.65
N SER A 355 -6.31 51.21 -10.46
CA SER A 355 -6.17 52.17 -9.37
C SER A 355 -7.43 52.09 -8.51
N PHE A 356 -7.33 51.43 -7.36
CA PHE A 356 -8.46 51.18 -6.49
C PHE A 356 -8.17 51.69 -5.08
N GLU A 357 -9.23 52.17 -4.43
CA GLU A 357 -9.15 52.66 -3.06
C GLU A 357 -10.35 52.13 -2.29
N VAL A 358 -10.09 51.61 -1.09
CA VAL A 358 -11.13 51.14 -0.18
C VAL A 358 -10.98 51.90 1.14
N LYS A 359 -12.12 52.36 1.67
CA LYS A 359 -12.10 53.15 2.89
C LYS A 359 -12.70 52.36 4.06
N PRO A 360 -12.27 52.64 5.28
CA PRO A 360 -12.84 51.93 6.44
C PRO A 360 -14.31 52.25 6.62
N GLY A 361 -15.04 51.27 7.16
CA GLY A 361 -16.46 51.43 7.38
C GLY A 361 -17.33 51.22 6.17
N GLN A 362 -16.77 50.64 5.10
CA GLN A 362 -17.54 50.39 3.88
C GLN A 362 -17.06 49.08 3.28
N THR A 363 -17.94 48.08 3.23
CA THR A 363 -17.62 46.81 2.61
C THR A 363 -17.57 46.96 1.10
N VAL A 364 -16.78 46.09 0.47
CA VAL A 364 -16.56 46.10 -0.97
C VAL A 364 -16.88 44.72 -1.51
N ALA A 365 -17.72 44.65 -2.55
CA ALA A 365 -18.12 43.40 -3.16
C ALA A 365 -17.73 43.42 -4.64
N ILE A 366 -17.12 42.34 -5.11
CA ILE A 366 -16.72 42.19 -6.50
C ILE A 366 -17.42 40.96 -7.07
N VAL A 367 -18.09 41.14 -8.21
CA VAL A 367 -18.74 40.06 -8.92
C VAL A 367 -18.23 40.04 -10.36
N GLY A 368 -17.95 38.85 -10.87
CA GLY A 368 -17.39 38.71 -12.19
C GLY A 368 -17.66 37.36 -12.83
N PRO A 369 -17.20 37.20 -14.06
CA PRO A 369 -17.39 35.93 -14.77
C PRO A 369 -16.35 34.90 -14.37
N THR A 370 -16.27 33.80 -15.10
CA THR A 370 -15.39 32.68 -14.79
C THR A 370 -13.91 33.04 -14.94
N GLY A 371 -13.58 34.31 -15.16
CA GLY A 371 -12.18 34.71 -15.20
C GLY A 371 -11.50 34.55 -13.85
N ALA A 372 -10.18 34.51 -13.88
CA ALA A 372 -9.37 34.20 -12.70
C ALA A 372 -8.85 35.45 -12.00
N GLY A 373 -9.38 36.63 -12.34
CA GLY A 373 -8.92 37.86 -11.72
C GLY A 373 -9.26 37.98 -10.25
N LYS A 374 -10.37 37.39 -9.81
CA LYS A 374 -10.75 37.44 -8.41
C LYS A 374 -9.73 36.73 -7.53
N THR A 375 -9.22 35.58 -7.98
CA THR A 375 -8.20 34.88 -7.21
C THR A 375 -6.94 35.72 -7.08
N THR A 376 -6.52 36.38 -8.17
CA THR A 376 -5.37 37.26 -8.11
C THR A 376 -5.60 38.42 -7.16
N LEU A 377 -6.80 38.99 -7.18
CA LEU A 377 -7.13 40.08 -6.26
C LEU A 377 -7.04 39.62 -4.82
N ILE A 378 -7.58 38.44 -4.51
CA ILE A 378 -7.50 37.92 -3.16
C ILE A 378 -6.05 37.68 -2.76
N ASN A 379 -5.25 37.11 -3.68
CA ASN A 379 -3.86 36.83 -3.36
C ASN A 379 -3.09 38.11 -3.07
N LEU A 380 -3.30 39.16 -3.87
CA LEU A 380 -2.60 40.41 -3.61
C LEU A 380 -3.13 41.08 -2.35
N LEU A 381 -4.39 40.83 -1.99
CA LEU A 381 -4.88 41.27 -0.69
C LEU A 381 -4.13 40.58 0.44
N GLN A 382 -3.92 39.28 0.33
CA GLN A 382 -3.20 38.55 1.37
C GLN A 382 -1.70 38.76 1.31
N ARG A 383 -1.17 39.21 0.17
CA ARG A 383 0.27 39.37 -0.05
C ARG A 383 1.00 38.06 0.25
N VAL A 384 0.66 37.03 -0.52
CA VAL A 384 1.33 35.73 -0.42
C VAL A 384 2.54 35.64 -1.33
N PHE A 385 2.82 36.68 -2.12
CA PHE A 385 3.98 36.71 -3.00
C PHE A 385 4.46 38.16 -3.10
N ASP A 386 5.48 38.38 -3.92
CA ASP A 386 6.01 39.71 -4.18
C ASP A 386 5.55 40.16 -5.56
N PRO A 387 4.66 41.15 -5.65
CA PRO A 387 4.18 41.59 -6.97
C PRO A 387 5.32 42.15 -7.82
N ALA A 388 5.25 41.85 -9.12
CA ALA A 388 6.27 42.31 -10.05
C ALA A 388 6.16 43.82 -10.28
N ALA A 389 4.94 44.33 -10.43
CA ALA A 389 4.73 45.76 -10.64
C ALA A 389 3.45 46.17 -9.94
N GLY A 390 3.55 47.18 -9.10
CA GLY A 390 2.40 47.67 -8.35
C GLY A 390 2.83 48.34 -7.07
N ARG A 391 1.84 48.88 -6.36
CA ARG A 391 2.07 49.55 -5.09
C ARG A 391 0.87 49.31 -4.18
N ILE A 392 1.12 48.67 -3.05
CA ILE A 392 0.09 48.41 -2.04
C ILE A 392 0.53 49.12 -0.76
N MET A 393 -0.29 50.04 -0.28
CA MET A 393 0.05 50.85 0.88
C MET A 393 -1.07 50.77 1.92
N ILE A 394 -0.68 50.73 3.19
CA ILE A 394 -1.61 50.73 4.31
C ILE A 394 -1.13 51.73 5.35
N ASP A 395 -2.05 52.58 5.81
CA ASP A 395 -1.82 53.51 6.91
C ASP A 395 -0.55 54.34 6.70
N GLY A 396 -0.32 54.80 5.48
CA GLY A 396 0.88 55.57 5.21
C GLY A 396 2.16 54.76 5.16
N THR A 397 2.06 53.43 5.07
CA THR A 397 3.21 52.55 5.10
C THR A 397 3.09 51.53 3.98
N ASP A 398 4.21 51.28 3.30
CA ASP A 398 4.26 50.25 2.27
C ASP A 398 4.16 48.87 2.89
N THR A 399 3.56 47.94 2.15
CA THR A 399 3.45 46.57 2.60
C THR A 399 4.75 45.79 2.47
N ARG A 400 5.68 46.25 1.62
CA ARG A 400 6.95 45.56 1.48
C ARG A 400 7.88 45.79 2.66
N THR A 401 7.75 46.93 3.34
CA THR A 401 8.58 47.24 4.49
C THR A 401 7.94 46.80 5.81
N VAL A 402 6.81 46.12 5.76
CA VAL A 402 6.14 45.60 6.95
C VAL A 402 6.20 44.07 6.90
N SER A 403 6.65 43.47 7.98
CA SER A 403 6.78 42.02 8.02
C SER A 403 5.40 41.37 8.02
N ARG A 404 5.37 40.10 7.61
CA ARG A 404 4.13 39.36 7.54
C ARG A 404 3.49 39.15 8.92
N ARG A 405 4.26 39.29 9.99
CA ARG A 405 3.75 38.95 11.33
C ARG A 405 2.51 39.75 11.67
N SER A 406 2.58 41.08 11.56
CA SER A 406 1.40 41.89 11.84
C SER A 406 0.53 42.08 10.61
N LEU A 407 1.18 42.19 9.44
CA LEU A 407 0.46 42.50 8.21
C LEU A 407 -0.56 41.43 7.90
N ARG A 408 -0.18 40.15 8.07
CA ARG A 408 -1.19 39.12 8.03
C ARG A 408 -2.10 39.15 9.24
N HIS A 409 -1.55 39.27 10.45
CA HIS A 409 -2.35 39.05 11.65
C HIS A 409 -3.55 39.98 11.71
N ALA A 410 -3.49 41.11 11.02
CA ALA A 410 -4.65 41.98 10.91
C ALA A 410 -5.69 41.49 9.90
N ILE A 411 -5.43 40.38 9.20
CA ILE A 411 -6.26 39.95 8.08
C ILE A 411 -6.74 38.52 8.34
N ALA A 412 -8.04 38.28 8.15
CA ALA A 412 -8.62 36.95 8.21
C ALA A 412 -8.68 36.32 6.82
N THR A 413 -9.30 35.15 6.73
CA THR A 413 -9.43 34.43 5.46
C THR A 413 -10.46 33.32 5.63
N VAL A 414 -11.37 33.21 4.65
CA VAL A 414 -12.31 32.08 4.59
C VAL A 414 -12.52 31.71 3.13
N PHE A 415 -12.26 30.44 2.81
CA PHE A 415 -12.43 29.91 1.45
C PHE A 415 -13.46 28.79 1.49
N GLN A 416 -13.58 28.09 0.35
CA GLN A 416 -14.54 27.01 0.21
C GLN A 416 -14.05 25.78 0.96
N ASP A 417 -12.93 25.21 0.50
CA ASP A 417 -12.38 23.98 1.07
C ASP A 417 -11.47 24.33 2.24
N ALA A 418 -12.09 24.80 3.32
CA ALA A 418 -11.37 25.20 4.52
C ALA A 418 -10.81 23.94 5.19
N GLY A 419 -9.48 23.87 5.27
CA GLY A 419 -8.85 22.71 5.87
C GLY A 419 -9.19 22.59 7.35
N LEU A 420 -9.64 21.40 7.73
CA LEU A 420 -9.88 21.06 9.12
C LEU A 420 -8.91 19.96 9.55
N PHE A 421 -8.41 20.08 10.77
CA PHE A 421 -7.49 19.07 11.27
C PHE A 421 -8.26 17.77 11.55
N ASN A 422 -7.50 16.69 11.72
CA ASN A 422 -8.09 15.37 11.93
C ASN A 422 -8.45 15.16 13.40
N ARG A 423 -8.17 16.13 14.25
CA ARG A 423 -8.47 16.00 15.67
C ARG A 423 -9.91 16.43 15.94
N SER A 424 -10.25 16.66 17.20
CA SER A 424 -11.62 16.89 17.62
C SER A 424 -12.12 18.24 17.13
N VAL A 425 -13.45 18.37 17.06
CA VAL A 425 -14.10 19.60 16.65
C VAL A 425 -13.89 20.71 17.67
N GLU A 426 -13.84 20.36 18.97
CA GLU A 426 -13.60 21.38 20.00
C GLU A 426 -12.27 22.07 19.78
N ASP A 427 -11.23 21.32 19.43
CA ASP A 427 -9.95 21.94 19.10
C ASP A 427 -10.03 22.71 17.78
N ASN A 428 -10.82 22.20 16.83
CA ASN A 428 -10.99 22.92 15.56
C ASN A 428 -11.74 24.23 15.76
N ILE A 429 -12.40 24.40 16.90
CA ILE A 429 -13.03 25.68 17.22
C ILE A 429 -12.07 26.54 18.03
N ARG A 430 -11.38 25.94 19.00
CA ARG A 430 -10.40 26.68 19.80
C ARG A 430 -9.23 27.16 18.97
N VAL A 431 -9.03 26.61 17.77
CA VAL A 431 -7.93 27.04 16.91
C VAL A 431 -8.25 28.35 16.20
N GLY A 432 -9.39 28.97 16.49
CA GLY A 432 -9.70 30.26 15.91
C GLY A 432 -8.95 31.40 16.55
N ARG A 433 -8.61 31.30 17.82
CA ARG A 433 -7.86 32.32 18.55
C ARG A 433 -6.62 31.67 19.16
N ALA A 434 -5.62 32.51 19.47
CA ALA A 434 -4.34 32.00 19.93
C ALA A 434 -4.50 31.09 21.15
N ASN A 435 -5.01 31.63 22.25
CA ASN A 435 -5.23 30.82 23.44
C ASN A 435 -6.73 30.70 23.72
N ALA A 436 -7.40 31.83 23.85
CA ALA A 436 -8.85 31.90 24.11
C ALA A 436 -9.18 31.11 25.38
N THR A 437 -10.45 30.75 25.55
CA THR A 437 -10.93 30.03 26.71
C THR A 437 -12.35 29.55 26.41
N HIS A 438 -12.86 28.65 27.25
CA HIS A 438 -14.08 27.91 26.93
C HIS A 438 -15.34 28.58 27.47
N GLU A 439 -15.57 29.85 27.15
CA GLU A 439 -16.92 30.40 27.32
C GLU A 439 -17.37 31.12 26.06
N GLU A 440 -16.46 31.85 25.41
CA GLU A 440 -16.80 32.55 24.19
C GLU A 440 -16.92 31.64 22.98
N VAL A 441 -16.41 30.40 23.08
CA VAL A 441 -16.60 29.44 21.99
C VAL A 441 -18.08 29.10 21.84
N HIS A 442 -18.79 28.96 22.96
CA HIS A 442 -20.23 28.75 22.90
C HIS A 442 -20.94 29.94 22.28
N ALA A 443 -20.52 31.16 22.64
CA ALA A 443 -21.12 32.35 22.05
C ALA A 443 -20.90 32.38 20.53
N ALA A 444 -19.69 32.03 20.09
CA ALA A 444 -19.42 31.98 18.66
C ALA A 444 -20.26 30.91 17.97
N ALA A 445 -20.40 29.75 18.61
CA ALA A 445 -21.22 28.68 18.04
C ALA A 445 -22.68 29.10 17.91
N LYS A 446 -23.23 29.76 18.93
CA LYS A 446 -24.59 30.29 18.82
C LYS A 446 -24.70 31.36 17.75
N ALA A 447 -23.69 32.22 17.62
CA ALA A 447 -23.74 33.28 16.61
C ALA A 447 -23.78 32.73 15.19
N ALA A 448 -23.07 31.62 14.96
CA ALA A 448 -23.07 30.98 13.64
C ALA A 448 -24.11 29.87 13.54
N ALA A 449 -24.93 29.69 14.57
CA ALA A 449 -25.96 28.65 14.59
C ALA A 449 -25.35 27.27 14.35
N ALA A 450 -24.15 27.04 14.89
CA ALA A 450 -23.44 25.78 14.73
C ALA A 450 -23.31 25.03 16.04
N HIS A 451 -24.10 25.39 17.05
CA HIS A 451 -24.02 24.76 18.36
C HIS A 451 -25.02 23.62 18.52
N ASP A 452 -26.27 23.84 18.11
CA ASP A 452 -27.29 22.79 18.23
C ASP A 452 -26.98 21.61 17.34
N PHE A 453 -26.43 21.85 16.15
CA PHE A 453 -26.10 20.77 15.23
C PHE A 453 -24.99 19.87 15.75
N ILE A 454 -24.11 20.39 16.60
CA ILE A 454 -22.97 19.63 17.10
C ILE A 454 -23.17 19.12 18.52
N LEU A 455 -24.08 19.73 19.29
CA LEU A 455 -24.27 19.32 20.67
C LEU A 455 -25.16 18.08 20.78
N ALA A 456 -26.35 18.12 20.16
CA ALA A 456 -27.25 16.99 20.22
C ALA A 456 -26.74 15.82 19.38
N LYS A 457 -26.36 16.09 18.15
CA LYS A 457 -25.86 15.06 17.25
C LYS A 457 -24.34 15.02 17.32
N SER A 458 -23.72 14.18 16.48
CA SER A 458 -22.27 14.05 16.38
C SER A 458 -21.63 13.61 17.69
N GLU A 459 -22.40 12.97 18.57
CA GLU A 459 -21.91 12.48 19.86
C GLU A 459 -21.21 13.59 20.65
N GLY A 460 -21.89 14.72 20.77
CA GLY A 460 -21.33 15.86 21.47
C GLY A 460 -20.36 16.64 20.61
N TYR A 461 -19.72 17.62 21.25
CA TYR A 461 -18.78 18.51 20.59
C TYR A 461 -17.33 18.02 20.73
N ASP A 462 -17.14 16.75 21.05
CA ASP A 462 -15.81 16.18 21.22
C ASP A 462 -15.62 14.98 20.30
N THR A 463 -16.06 15.12 19.05
CA THR A 463 -15.92 14.07 18.06
C THR A 463 -14.76 14.37 17.13
N PHE A 464 -14.08 13.30 16.71
CA PHE A 464 -12.95 13.42 15.80
C PHE A 464 -13.46 13.46 14.37
N VAL A 465 -13.04 14.49 13.63
CA VAL A 465 -13.41 14.66 12.23
C VAL A 465 -12.25 14.21 11.36
N GLY A 466 -12.58 13.56 10.25
CA GLY A 466 -11.58 13.04 9.35
C GLY A 466 -10.91 14.14 8.53
N GLU A 467 -9.93 13.73 7.75
CA GLU A 467 -9.17 14.66 6.92
C GLU A 467 -10.05 15.22 5.82
N ARG A 468 -9.88 16.51 5.53
CA ARG A 468 -10.64 17.22 4.50
C ARG A 468 -12.14 17.12 4.74
N GLY A 469 -12.55 17.03 6.00
CA GLY A 469 -13.95 16.89 6.34
C GLY A 469 -14.58 15.64 5.76
N SER A 470 -13.86 14.52 5.83
CA SER A 470 -14.36 13.27 5.26
C SER A 470 -15.61 12.77 5.95
N GLN A 471 -15.85 13.15 7.21
CA GLN A 471 -17.02 12.70 7.95
C GLN A 471 -18.18 13.68 7.87
N LEU A 472 -17.93 14.95 7.56
CA LEU A 472 -18.96 15.97 7.48
C LEU A 472 -19.19 16.32 6.01
N SER A 473 -20.03 17.32 5.75
CA SER A 473 -20.33 17.75 4.40
C SER A 473 -19.84 19.18 4.23
N GLY A 474 -20.15 19.78 3.09
CA GLY A 474 -19.76 21.15 2.82
C GLY A 474 -20.39 22.13 3.78
N GLY A 475 -21.66 21.91 4.13
CA GLY A 475 -22.36 22.85 5.00
C GLY A 475 -21.80 22.88 6.41
N GLU A 476 -21.42 21.71 6.95
CA GLU A 476 -20.93 21.65 8.32
C GLU A 476 -19.58 22.35 8.47
N ARG A 477 -18.61 22.00 7.61
CA ARG A 477 -17.33 22.70 7.63
C ARG A 477 -17.50 24.15 7.27
N GLN A 478 -18.48 24.46 6.41
CA GLN A 478 -18.84 25.83 6.08
C GLN A 478 -19.22 26.63 7.32
N ARG A 479 -20.14 26.10 8.11
CA ARG A 479 -20.59 26.78 9.32
C ARG A 479 -19.46 26.88 10.34
N LEU A 480 -18.64 25.84 10.43
CA LEU A 480 -17.48 25.90 11.34
C LEU A 480 -16.52 27.00 10.93
N ALA A 481 -16.26 27.15 9.63
CA ALA A 481 -15.37 28.20 9.16
C ALA A 481 -15.97 29.58 9.42
N ILE A 482 -17.28 29.72 9.22
CA ILE A 482 -17.93 30.99 9.52
C ILE A 482 -17.81 31.33 11.00
N ALA A 483 -18.02 30.33 11.86
CA ALA A 483 -17.88 30.54 13.30
C ALA A 483 -16.46 30.93 13.67
N ARG A 484 -15.48 30.26 13.07
CA ARG A 484 -14.08 30.60 13.35
C ARG A 484 -13.77 32.02 12.93
N ALA A 485 -14.24 32.42 11.75
CA ALA A 485 -14.00 33.77 11.27
C ALA A 485 -14.63 34.81 12.19
N ILE A 486 -15.88 34.57 12.62
CA ILE A 486 -16.53 35.56 13.47
C ILE A 486 -15.91 35.61 14.87
N LEU A 487 -15.45 34.48 15.41
CA LEU A 487 -14.83 34.53 16.72
C LEU A 487 -13.43 35.14 16.65
N LYS A 488 -12.77 35.05 15.48
CA LYS A 488 -11.46 35.68 15.33
C LYS A 488 -11.55 37.20 15.38
N ASP A 489 -12.73 37.76 15.11
CA ASP A 489 -12.99 39.21 15.17
C ASP A 489 -11.87 40.02 14.54
N SER A 490 -11.42 39.58 13.37
CA SER A 490 -10.37 40.31 12.67
C SER A 490 -10.91 41.65 12.18
N PRO A 491 -10.06 42.69 12.12
CA PRO A 491 -10.52 43.97 11.60
C PRO A 491 -11.00 43.91 10.16
N ILE A 492 -10.41 43.06 9.33
CA ILE A 492 -10.77 42.94 7.92
C ILE A 492 -11.14 41.49 7.64
N LEU A 493 -12.27 41.30 6.96
CA LEU A 493 -12.75 39.98 6.58
C LEU A 493 -12.75 39.88 5.06
N VAL A 494 -12.17 38.82 4.53
CA VAL A 494 -12.17 38.54 3.09
C VAL A 494 -12.99 37.28 2.87
N LEU A 495 -13.94 37.36 1.94
CA LEU A 495 -14.87 36.27 1.67
C LEU A 495 -14.78 35.88 0.20
N ASP A 496 -14.85 34.57 -0.06
CA ASP A 496 -14.76 34.06 -1.43
C ASP A 496 -15.70 32.87 -1.56
N GLU A 497 -16.93 33.16 -2.02
CA GLU A 497 -17.98 32.13 -2.17
C GLU A 497 -18.18 31.36 -0.87
N ALA A 498 -18.02 32.03 0.26
CA ALA A 498 -18.14 31.41 1.56
C ALA A 498 -19.58 31.17 1.98
N THR A 499 -20.56 31.52 1.15
CA THR A 499 -21.95 31.14 1.35
C THR A 499 -22.51 30.57 0.05
N SER A 500 -22.24 29.28 -0.21
CA SER A 500 -22.77 28.62 -1.39
C SER A 500 -23.10 27.15 -1.16
N ALA A 501 -23.32 26.76 0.10
CA ALA A 501 -23.44 25.33 0.41
C ALA A 501 -24.57 25.03 1.41
N LEU A 502 -25.65 25.81 1.37
CA LEU A 502 -26.77 25.57 2.26
C LEU A 502 -28.05 26.01 1.57
N ASP A 503 -29.19 25.64 2.15
CA ASP A 503 -30.49 26.00 1.61
C ASP A 503 -30.82 27.45 1.94
N VAL A 504 -31.93 27.92 1.41
CA VAL A 504 -32.28 29.34 1.51
C VAL A 504 -32.54 29.75 2.95
N GLU A 505 -33.23 28.89 3.73
CA GLU A 505 -33.59 29.26 5.09
C GLU A 505 -32.37 29.46 5.97
N THR A 506 -31.37 28.59 5.85
CA THR A 506 -30.13 28.75 6.59
C THR A 506 -29.24 29.85 6.00
N GLU A 507 -29.24 29.99 4.67
CA GLU A 507 -28.44 31.03 4.04
C GLU A 507 -28.87 32.42 4.47
N GLU A 508 -30.19 32.64 4.57
CA GLU A 508 -30.70 33.95 4.97
C GLU A 508 -30.23 34.31 6.38
N LYS A 509 -30.34 33.36 7.32
CA LYS A 509 -29.92 33.65 8.69
C LYS A 509 -28.41 33.78 8.79
N VAL A 510 -27.65 33.03 8.00
CA VAL A 510 -26.20 33.21 7.99
C VAL A 510 -25.82 34.59 7.50
N THR A 511 -26.45 35.06 6.41
CA THR A 511 -26.19 36.39 5.91
C THR A 511 -26.59 37.45 6.93
N GLN A 512 -27.75 37.26 7.59
CA GLN A 512 -28.18 38.22 8.60
C GLN A 512 -27.19 38.29 9.75
N ALA A 513 -26.68 37.13 10.19
CA ALA A 513 -25.72 37.11 11.29
C ALA A 513 -24.41 37.80 10.88
N VAL A 514 -23.88 37.46 9.71
CA VAL A 514 -22.61 38.05 9.30
C VAL A 514 -22.74 39.53 9.00
N ASP A 515 -23.95 40.01 8.70
CA ASP A 515 -24.17 41.44 8.52
C ASP A 515 -24.37 42.17 9.83
N GLU A 516 -25.13 41.59 10.77
CA GLU A 516 -25.35 42.22 12.06
C GLU A 516 -24.08 42.24 12.90
N LEU A 517 -23.21 41.25 12.71
CA LEU A 517 -21.98 41.16 13.46
C LEU A 517 -20.81 41.89 12.79
N SER A 518 -21.07 42.61 11.70
CA SER A 518 -20.01 43.32 10.99
C SER A 518 -20.59 44.63 10.45
N HIS A 519 -20.39 45.70 11.21
CA HIS A 519 -20.72 47.05 10.77
C HIS A 519 -19.53 47.98 10.76
N ASN A 520 -18.67 47.94 11.78
CA ASN A 520 -17.50 48.80 11.88
C ASN A 520 -16.28 48.19 11.21
N ARG A 521 -16.47 47.24 10.32
CA ARG A 521 -15.38 46.60 9.60
C ARG A 521 -15.75 46.50 8.13
N THR A 522 -14.72 46.35 7.29
CA THR A 522 -14.88 46.23 5.85
C THR A 522 -14.70 44.78 5.44
N THR A 523 -15.66 44.27 4.67
CA THR A 523 -15.64 42.89 4.21
C THR A 523 -15.55 42.86 2.69
N PHE A 524 -14.86 41.84 2.18
CA PHE A 524 -14.66 41.65 0.75
C PHE A 524 -15.30 40.32 0.38
N ILE A 525 -16.54 40.37 -0.10
CA ILE A 525 -17.30 39.16 -0.44
C ILE A 525 -17.20 38.92 -1.94
N ILE A 526 -16.88 37.69 -2.32
CA ILE A 526 -16.72 37.29 -3.71
C ILE A 526 -17.58 36.05 -3.92
N ALA A 527 -18.69 36.20 -4.65
CA ALA A 527 -19.58 35.08 -4.88
C ALA A 527 -20.34 35.28 -6.18
N HIS A 528 -20.60 34.16 -6.86
CA HIS A 528 -21.42 34.17 -8.07
C HIS A 528 -22.91 34.32 -7.78
N ARG A 529 -23.37 33.81 -6.64
CA ARG A 529 -24.78 33.94 -6.28
C ARG A 529 -25.12 35.41 -6.03
N LEU A 530 -26.30 35.82 -6.48
CA LEU A 530 -26.74 37.22 -6.36
C LEU A 530 -27.62 37.43 -5.14
N SER A 531 -27.45 36.63 -4.10
CA SER A 531 -28.23 36.77 -2.87
C SER A 531 -27.52 37.56 -1.79
N THR A 532 -26.22 37.31 -1.58
CA THR A 532 -25.45 38.01 -0.56
C THR A 532 -24.80 39.29 -1.08
N VAL A 533 -24.85 39.53 -2.38
CA VAL A 533 -24.22 40.74 -2.92
C VAL A 533 -25.10 41.97 -2.70
N ARG A 534 -26.41 41.77 -2.49
CA ARG A 534 -27.30 42.89 -2.27
C ARG A 534 -27.12 43.52 -0.89
N SER A 535 -26.51 42.80 0.05
CA SER A 535 -26.27 43.30 1.40
C SER A 535 -24.92 43.99 1.53
N ALA A 536 -24.34 44.45 0.42
CA ALA A 536 -23.04 45.10 0.42
C ALA A 536 -23.23 46.62 0.35
N ASP A 537 -22.13 47.36 0.23
CA ASP A 537 -22.18 48.81 0.15
C ASP A 537 -21.63 49.29 -1.19
N LEU A 538 -20.44 48.82 -1.56
CA LEU A 538 -19.81 49.20 -2.82
C LEU A 538 -19.86 48.04 -3.79
N VAL A 539 -20.33 48.31 -5.02
CA VAL A 539 -20.48 47.29 -6.04
C VAL A 539 -19.37 47.47 -7.08
N LEU A 540 -18.66 46.39 -7.37
CA LEU A 540 -17.57 46.39 -8.34
C LEU A 540 -17.93 45.48 -9.52
N PHE A 541 -17.10 45.53 -10.55
CA PHE A 541 -17.28 44.69 -11.72
C PHE A 541 -15.92 44.18 -12.19
N MET A 542 -15.89 42.91 -12.56
CA MET A 542 -14.68 42.25 -13.03
C MET A 542 -14.92 41.74 -14.44
N ASP A 543 -13.96 42.01 -15.34
CA ASP A 543 -14.03 41.47 -16.69
C ASP A 543 -12.62 41.45 -17.28
N LYS A 544 -12.00 40.26 -17.28
CA LYS A 544 -10.74 40.02 -17.98
C LYS A 544 -9.67 41.05 -17.61
N GLY A 545 -9.56 41.35 -16.31
CA GLY A 545 -8.59 42.31 -15.85
C GLY A 545 -8.87 43.73 -16.30
N HIS A 546 -10.13 44.14 -16.23
CA HIS A 546 -10.52 45.49 -16.60
C HIS A 546 -11.53 46.03 -15.59
N LEU A 547 -11.73 47.34 -15.62
CA LEU A 547 -12.72 47.99 -14.79
C LEU A 547 -13.75 48.69 -15.69
N VAL A 548 -15.02 48.45 -15.41
CA VAL A 548 -16.10 49.11 -16.16
C VAL A 548 -17.07 49.78 -15.20
N GLU A 549 -17.53 49.07 -14.18
CA GLU A 549 -18.51 49.57 -13.23
C GLU A 549 -17.92 49.55 -11.84
N SER A 550 -17.99 50.69 -11.15
CA SER A 550 -17.49 50.79 -9.78
C SER A 550 -18.29 51.89 -9.09
N GLY A 551 -19.28 51.50 -8.30
CA GLY A 551 -20.11 52.48 -7.61
C GLY A 551 -20.97 51.88 -6.52
N SER A 552 -22.17 52.43 -6.34
CA SER A 552 -23.10 52.02 -5.30
C SER A 552 -24.36 51.42 -5.94
N PHE A 553 -25.31 51.07 -5.08
CA PHE A 553 -26.57 50.49 -5.54
C PHE A 553 -27.49 51.52 -6.17
N ASN A 554 -27.26 52.81 -5.92
CA ASN A 554 -28.08 53.88 -6.46
C ASN A 554 -27.55 54.43 -7.77
N GLU A 555 -26.51 53.80 -8.33
CA GLU A 555 -25.94 54.23 -9.61
C GLU A 555 -25.92 53.14 -10.67
N LEU A 556 -26.04 51.87 -10.29
CA LEU A 556 -25.95 50.75 -11.22
C LEU A 556 -27.23 50.52 -12.01
N ALA A 557 -28.31 51.25 -11.71
CA ALA A 557 -29.58 51.05 -12.40
C ALA A 557 -29.51 51.45 -13.87
N GLU A 558 -28.58 52.34 -14.24
CA GLU A 558 -28.48 52.74 -15.64
C GLU A 558 -27.04 52.81 -16.13
N ARG A 559 -26.05 52.35 -15.36
CA ARG A 559 -24.64 52.44 -15.72
C ARG A 559 -24.17 51.05 -16.12
N GLY A 560 -23.66 50.94 -17.35
CA GLY A 560 -23.17 49.68 -17.87
C GLY A 560 -24.24 48.92 -18.63
N GLY A 561 -23.78 48.12 -19.58
CA GLY A 561 -24.67 47.32 -20.41
C GLY A 561 -24.67 45.86 -20.04
N ARG A 562 -23.49 45.31 -19.73
CA ARG A 562 -23.39 43.91 -19.34
C ARG A 562 -23.90 43.69 -17.93
N PHE A 563 -23.67 44.64 -17.03
CA PHE A 563 -24.10 44.47 -15.64
C PHE A 563 -25.61 44.42 -15.53
N SER A 564 -26.31 45.26 -16.30
CA SER A 564 -27.78 45.22 -16.30
C SER A 564 -28.28 43.88 -16.83
N ASP A 565 -27.65 43.35 -17.88
CA ASP A 565 -28.04 42.05 -18.41
C ASP A 565 -27.82 40.95 -17.38
N LEU A 566 -26.69 40.98 -16.68
CA LEU A 566 -26.44 39.99 -15.64
C LEU A 566 -27.43 40.12 -14.49
N LEU A 567 -27.79 41.35 -14.12
CA LEU A 567 -28.74 41.54 -13.03
C LEU A 567 -30.13 41.04 -13.40
N ARG A 568 -30.57 41.31 -14.63
CA ARG A 568 -31.89 40.84 -15.04
C ARG A 568 -31.92 39.35 -15.35
N ALA A 569 -30.77 38.76 -15.69
CA ALA A 569 -30.73 37.34 -16.01
C ALA A 569 -31.09 36.49 -14.79
N GLY A 570 -30.57 36.85 -13.62
CA GLY A 570 -30.82 36.11 -12.40
C GLY A 570 -30.73 36.94 -11.14
N MET B 1 -1.75 -26.98 18.73
CA MET B 1 -1.77 -28.13 17.83
C MET B 1 -2.41 -27.78 16.49
N SER B 2 -2.92 -26.55 16.39
CA SER B 2 -3.55 -26.11 15.15
C SER B 2 -2.51 -25.93 14.04
N LEU B 3 -1.30 -25.51 14.38
CA LEU B 3 -0.28 -25.30 13.36
C LEU B 3 0.12 -26.58 12.66
N LEU B 4 0.15 -27.70 13.40
CA LEU B 4 0.49 -28.98 12.77
C LEU B 4 -0.54 -29.38 11.73
N LYS B 5 -1.82 -29.10 11.99
CA LYS B 5 -2.85 -29.34 10.99
C LYS B 5 -2.62 -28.49 9.74
N ILE B 6 -2.21 -27.24 9.93
CA ILE B 6 -1.92 -26.37 8.80
C ILE B 6 -0.77 -26.92 7.98
N TYR B 7 0.30 -27.35 8.63
CA TYR B 7 1.43 -27.94 7.91
C TYR B 7 1.01 -29.21 7.18
N TRP B 8 0.19 -30.05 7.81
CA TRP B 8 -0.26 -31.27 7.16
C TRP B 8 -1.08 -30.96 5.92
N ARG B 9 -1.99 -29.98 6.02
CA ARG B 9 -2.80 -29.63 4.85
C ARG B 9 -1.94 -29.03 3.74
N ALA B 10 -0.96 -28.20 4.10
CA ALA B 10 -0.07 -27.62 3.10
C ALA B 10 0.72 -28.71 2.38
N MET B 11 1.26 -29.67 3.14
CA MET B 11 2.00 -30.76 2.53
C MET B 11 1.09 -31.63 1.68
N GLN B 12 -0.15 -31.85 2.11
CA GLN B 12 -1.09 -32.62 1.31
C GLN B 12 -1.36 -31.95 -0.02
N TYR B 13 -1.57 -30.63 -0.01
CA TYR B 13 -1.74 -29.90 -1.27
C TYR B 13 -0.48 -29.94 -2.11
N LEU B 14 0.70 -29.92 -1.47
CA LEU B 14 1.95 -29.94 -2.22
C LEU B 14 2.20 -31.29 -2.88
N ALA B 15 1.81 -32.38 -2.23
CA ALA B 15 2.11 -33.73 -2.69
C ALA B 15 1.23 -34.18 -3.85
N VAL B 16 0.44 -33.29 -4.43
CA VAL B 16 -0.38 -33.66 -5.59
C VAL B 16 0.51 -34.06 -6.76
N GLU B 17 1.58 -33.30 -7.00
CA GLU B 17 2.51 -33.58 -8.08
C GLU B 17 3.54 -34.60 -7.57
N ARG B 18 3.24 -35.88 -7.80
CA ARG B 18 4.07 -36.98 -7.32
C ARG B 18 5.23 -37.30 -8.24
N THR B 19 5.27 -36.70 -9.43
CA THR B 19 6.31 -37.00 -10.41
C THR B 19 7.53 -36.11 -10.27
N ALA B 20 7.49 -35.11 -9.38
CA ALA B 20 8.61 -34.20 -9.21
C ALA B 20 8.90 -33.95 -7.74
N THR B 21 8.11 -34.56 -6.85
CA THR B 21 8.31 -34.40 -5.42
C THR B 21 9.12 -35.52 -4.81
N ILE B 22 9.08 -36.72 -5.39
CA ILE B 22 9.86 -37.83 -4.86
C ILE B 22 11.35 -37.54 -4.93
N THR B 23 11.81 -36.97 -6.05
CA THR B 23 13.21 -36.61 -6.18
C THR B 23 13.63 -35.56 -5.15
N MET B 24 12.70 -34.74 -4.69
CA MET B 24 13.06 -33.71 -3.71
C MET B 24 13.48 -34.33 -2.38
N CYS B 25 12.78 -35.37 -1.95
CA CYS B 25 13.14 -36.03 -0.69
C CYS B 25 14.55 -36.60 -0.74
N VAL B 26 14.87 -37.33 -1.83
CA VAL B 26 16.18 -37.94 -1.92
C VAL B 26 17.26 -36.88 -2.10
N ALA B 27 16.97 -35.80 -2.85
CA ALA B 27 17.95 -34.73 -2.99
C ALA B 27 18.23 -34.05 -1.64
N SER B 28 17.18 -33.79 -0.86
CA SER B 28 17.36 -33.18 0.44
C SER B 28 18.13 -34.09 1.38
N VAL B 29 17.83 -35.39 1.36
CA VAL B 29 18.55 -36.34 2.19
C VAL B 29 20.03 -36.36 1.81
N LEU B 30 20.31 -36.40 0.51
CA LEU B 30 21.70 -36.42 0.05
C LEU B 30 22.45 -35.16 0.46
N VAL B 31 21.82 -33.99 0.30
CA VAL B 31 22.52 -32.76 0.67
C VAL B 31 22.72 -32.69 2.18
N ALA B 32 21.76 -33.17 2.97
CA ALA B 32 21.95 -33.21 4.42
C ALA B 32 23.11 -34.13 4.80
N LEU B 33 23.18 -35.31 4.18
CA LEU B 33 24.28 -36.23 4.48
C LEU B 33 25.63 -35.63 4.10
N VAL B 34 25.73 -34.99 2.93
CA VAL B 34 27.02 -34.45 2.53
C VAL B 34 27.43 -33.27 3.41
N THR B 35 26.47 -32.42 3.79
CA THR B 35 26.82 -31.30 4.65
C THR B 35 27.11 -31.75 6.07
N LEU B 36 26.60 -32.91 6.48
CA LEU B 36 27.00 -33.47 7.76
C LEU B 36 28.39 -34.11 7.69
N ALA B 37 28.71 -34.74 6.56
CA ALA B 37 29.99 -35.42 6.42
C ALA B 37 31.14 -34.47 6.13
N GLU B 38 30.85 -33.25 5.66
CA GLU B 38 31.93 -32.32 5.34
C GLU B 38 32.81 -31.98 6.55
N PRO B 39 32.28 -31.58 7.71
CA PRO B 39 33.18 -31.29 8.84
C PRO B 39 33.97 -32.50 9.32
N VAL B 40 33.41 -33.71 9.24
CA VAL B 40 34.16 -34.90 9.62
C VAL B 40 35.35 -35.09 8.70
N LEU B 41 35.15 -34.88 7.39
CA LEU B 41 36.27 -34.98 6.46
C LEU B 41 37.29 -33.88 6.70
N PHE B 42 36.83 -32.69 7.07
CA PHE B 42 37.75 -31.61 7.43
C PHE B 42 38.62 -32.02 8.61
N GLY B 43 38.00 -32.62 9.63
CA GLY B 43 38.77 -33.10 10.76
C GLY B 43 39.74 -34.19 10.37
N ARG B 44 39.31 -35.11 9.50
CA ARG B 44 40.19 -36.19 9.07
C ARG B 44 41.40 -35.66 8.32
N VAL B 45 41.20 -34.69 7.42
CA VAL B 45 42.33 -34.17 6.66
C VAL B 45 43.26 -33.33 7.54
N ILE B 46 42.72 -32.55 8.47
CA ILE B 46 43.60 -31.79 9.37
C ILE B 46 44.41 -32.74 10.24
N GLN B 47 43.77 -33.75 10.82
CA GLN B 47 44.47 -34.73 11.66
C GLN B 47 44.90 -35.91 10.80
N SER B 48 46.00 -35.72 10.08
CA SER B 48 46.58 -36.74 9.24
C SER B 48 48.05 -36.93 9.62
N ILE B 49 48.29 -37.74 10.64
CA ILE B 49 49.63 -38.03 11.16
C ILE B 49 50.37 -36.71 11.36
N SER B 50 49.96 -35.95 12.38
CA SER B 50 50.39 -34.57 12.55
C SER B 50 50.07 -33.79 11.28
N ASP B 51 51.06 -33.65 10.39
CA ASP B 51 50.79 -33.01 9.09
C ASP B 51 51.51 -33.68 7.94
N LYS B 52 51.81 -34.98 8.03
CA LYS B 52 52.53 -35.69 6.99
C LYS B 52 51.83 -37.01 6.69
N GLY B 53 52.07 -37.52 5.48
CA GLY B 53 51.48 -38.77 5.04
C GLY B 53 50.70 -38.59 3.76
N ASP B 54 50.11 -39.69 3.31
CA ASP B 54 49.32 -39.69 2.09
C ASP B 54 47.98 -39.01 2.37
N ILE B 55 47.80 -37.81 1.81
CA ILE B 55 46.58 -37.03 2.02
C ILE B 55 45.94 -36.71 0.69
N PHE B 56 46.54 -37.22 -0.40
CA PHE B 56 46.01 -36.95 -1.73
C PHE B 56 44.61 -37.54 -1.89
N SER B 57 44.41 -38.78 -1.44
CA SER B 57 43.08 -39.39 -1.54
C SER B 57 42.04 -38.66 -0.69
N PRO B 58 42.28 -38.35 0.59
CA PRO B 58 41.28 -37.58 1.34
C PRO B 58 40.96 -36.23 0.71
N LEU B 59 41.96 -35.51 0.22
CA LEU B 59 41.70 -34.23 -0.44
C LEU B 59 40.87 -34.43 -1.70
N LEU B 60 41.20 -35.45 -2.50
CA LEU B 60 40.45 -35.69 -3.72
C LEU B 60 38.99 -36.02 -3.42
N MET B 61 38.75 -36.89 -2.44
CA MET B 61 37.37 -37.28 -2.14
C MET B 61 36.60 -36.13 -1.49
N TRP B 62 37.27 -35.32 -0.67
CA TRP B 62 36.63 -34.15 -0.12
C TRP B 62 36.26 -33.14 -1.21
N ALA B 63 37.15 -32.95 -2.19
CA ALA B 63 36.84 -32.05 -3.30
C ALA B 63 35.68 -32.59 -4.12
N ALA B 64 35.63 -33.91 -4.33
CA ALA B 64 34.49 -34.49 -5.04
C ALA B 64 33.19 -34.26 -4.27
N LEU B 65 33.22 -34.42 -2.95
CA LEU B 65 32.03 -34.17 -2.15
C LEU B 65 31.63 -32.70 -2.20
N GLY B 66 32.61 -31.80 -2.18
CA GLY B 66 32.29 -30.39 -2.31
C GLY B 66 31.66 -30.06 -3.65
N GLY B 67 32.17 -30.66 -4.72
CA GLY B 67 31.55 -30.47 -6.02
C GLY B 67 30.14 -31.02 -6.08
N PHE B 68 29.91 -32.17 -5.45
CA PHE B 68 28.56 -32.71 -5.37
C PHE B 68 27.63 -31.76 -4.62
N ASN B 69 28.13 -31.18 -3.52
CA ASN B 69 27.33 -30.20 -2.78
C ASN B 69 27.02 -28.98 -3.63
N ILE B 70 28.00 -28.52 -4.42
CA ILE B 70 27.79 -27.39 -5.32
C ILE B 70 26.70 -27.69 -6.34
N MET B 71 26.80 -28.86 -6.99
CA MET B 71 25.79 -29.22 -7.98
C MET B 71 24.41 -29.37 -7.35
N ALA B 72 24.34 -29.97 -6.16
CA ALA B 72 23.06 -30.09 -5.48
C ALA B 72 22.49 -28.72 -5.13
N ALA B 73 23.33 -27.82 -4.61
CA ALA B 73 22.85 -26.49 -4.26
C ALA B 73 22.33 -25.74 -5.47
N VAL B 74 22.97 -25.92 -6.62
CA VAL B 74 22.48 -25.26 -7.83
C VAL B 74 21.16 -25.88 -8.29
N PHE B 75 21.08 -27.21 -8.35
CA PHE B 75 19.94 -27.86 -8.98
C PHE B 75 18.68 -27.83 -8.11
N VAL B 76 18.84 -28.06 -6.80
CA VAL B 76 17.68 -28.17 -5.93
C VAL B 76 16.93 -26.85 -5.84
N ALA B 77 17.64 -25.72 -5.84
CA ALA B 77 16.97 -24.43 -5.79
C ALA B 77 16.09 -24.22 -7.01
N ARG B 78 16.61 -24.53 -8.20
CA ARG B 78 15.83 -24.38 -9.42
C ARG B 78 14.63 -25.31 -9.42
N GLY B 79 14.84 -26.57 -9.01
CA GLY B 79 13.72 -27.50 -8.95
C GLY B 79 12.64 -27.04 -8.01
N ALA B 80 13.04 -26.54 -6.84
CA ALA B 80 12.07 -26.07 -5.85
C ALA B 80 11.31 -24.86 -6.38
N ASP B 81 12.01 -23.93 -7.04
CA ASP B 81 11.34 -22.77 -7.59
C ASP B 81 10.31 -23.17 -8.64
N ARG B 82 10.70 -24.07 -9.55
CA ARG B 82 9.78 -24.52 -10.58
C ARG B 82 8.56 -25.20 -9.98
N LEU B 83 8.79 -26.13 -9.04
CA LEU B 83 7.68 -26.86 -8.45
C LEU B 83 6.74 -25.94 -7.68
N ALA B 84 7.31 -25.00 -6.91
CA ALA B 84 6.49 -24.07 -6.15
C ALA B 84 5.66 -23.19 -7.08
N HIS B 85 6.26 -22.68 -8.15
CA HIS B 85 5.49 -21.84 -9.07
C HIS B 85 4.38 -22.64 -9.74
N ARG B 86 4.67 -23.86 -10.18
CA ARG B 86 3.65 -24.67 -10.84
C ARG B 86 2.50 -24.98 -9.88
N ARG B 87 2.83 -25.33 -8.64
CA ARG B 87 1.80 -25.64 -7.65
C ARG B 87 0.97 -24.41 -7.31
N ARG B 88 1.62 -23.24 -7.22
CA ARG B 88 0.88 -22.01 -6.97
C ARG B 88 -0.11 -21.72 -8.09
N LEU B 89 0.33 -21.83 -9.33
CA LEU B 89 -0.59 -21.60 -10.45
C LEU B 89 -1.71 -22.63 -10.47
N GLY B 90 -1.39 -23.90 -10.16
CA GLY B 90 -2.42 -24.92 -10.13
C GLY B 90 -3.48 -24.68 -9.06
N VAL B 91 -3.04 -24.31 -7.85
CA VAL B 91 -4.01 -24.04 -6.80
C VAL B 91 -4.81 -22.79 -7.12
N MET B 92 -4.20 -21.82 -7.81
CA MET B 92 -4.98 -20.67 -8.28
C MET B 92 -6.05 -21.10 -9.27
N ILE B 93 -5.69 -22.00 -10.20
CA ILE B 93 -6.69 -22.52 -11.13
C ILE B 93 -7.84 -23.17 -10.39
N ASP B 94 -7.51 -24.03 -9.41
CA ASP B 94 -8.56 -24.73 -8.68
C ASP B 94 -9.46 -23.76 -7.92
N SER B 95 -8.86 -22.79 -7.23
CA SER B 95 -9.65 -21.85 -6.44
C SER B 95 -10.54 -21.00 -7.34
N TYR B 96 -10.00 -20.50 -8.46
CA TYR B 96 -10.82 -19.77 -9.40
C TYR B 96 -11.97 -20.61 -9.92
N GLU B 97 -11.68 -21.83 -10.37
CA GLU B 97 -12.74 -22.63 -10.98
C GLU B 97 -13.81 -23.00 -9.95
N ARG B 98 -13.41 -23.15 -8.68
CA ARG B 98 -14.38 -23.48 -7.65
C ARG B 98 -15.19 -22.26 -7.22
N LEU B 99 -14.61 -21.07 -7.31
CA LEU B 99 -15.29 -19.86 -6.86
C LEU B 99 -16.15 -19.20 -7.93
N ILE B 100 -15.83 -19.40 -9.22
CA ILE B 100 -16.58 -18.76 -10.28
C ILE B 100 -18.03 -19.25 -10.36
N THR B 101 -18.28 -20.52 -10.03
CA THR B 101 -19.62 -21.07 -10.03
C THR B 101 -20.34 -20.84 -8.71
N MET B 102 -19.69 -20.18 -7.76
CA MET B 102 -20.26 -19.95 -6.44
C MET B 102 -21.33 -18.87 -6.52
N PRO B 103 -22.50 -19.08 -5.93
CA PRO B 103 -23.60 -18.12 -6.07
C PRO B 103 -23.27 -16.79 -5.42
N LEU B 104 -23.93 -15.73 -5.93
CA LEU B 104 -23.72 -14.38 -5.46
C LEU B 104 -24.19 -14.17 -4.02
N ALA B 105 -25.11 -15.00 -3.53
CA ALA B 105 -25.64 -14.82 -2.19
C ALA B 105 -24.53 -14.89 -1.14
N TRP B 106 -23.68 -15.91 -1.23
CA TRP B 106 -22.58 -16.01 -0.28
C TRP B 106 -21.56 -14.90 -0.49
N HIS B 107 -21.36 -14.46 -1.73
CA HIS B 107 -20.45 -13.37 -2.01
C HIS B 107 -20.89 -12.09 -1.30
N GLN B 108 -22.17 -11.76 -1.39
CA GLN B 108 -22.66 -10.56 -0.71
C GLN B 108 -22.80 -10.78 0.78
N LYS B 109 -22.92 -12.04 1.22
CA LYS B 109 -22.95 -12.33 2.66
C LYS B 109 -21.60 -12.06 3.30
N ARG B 110 -20.53 -12.57 2.69
CA ARG B 110 -19.19 -12.42 3.26
C ARG B 110 -18.40 -11.27 2.66
N GLY B 111 -18.93 -10.59 1.65
CA GLY B 111 -18.16 -9.52 1.04
C GLY B 111 -17.27 -10.03 -0.07
N THR B 112 -16.89 -9.10 -0.96
CA THR B 112 -16.06 -9.43 -2.11
C THR B 112 -14.65 -8.87 -2.02
N SER B 113 -14.50 -7.60 -1.63
CA SER B 113 -13.17 -7.01 -1.53
C SER B 113 -12.32 -7.75 -0.51
N ASN B 114 -12.89 -8.08 0.65
CA ASN B 114 -12.18 -8.88 1.64
C ASN B 114 -11.85 -10.26 1.09
N ALA B 115 -12.75 -10.84 0.30
CA ALA B 115 -12.50 -12.14 -0.29
C ALA B 115 -11.28 -12.10 -1.21
N LEU B 116 -11.20 -11.10 -2.08
CA LEU B 116 -10.02 -10.96 -2.95
C LEU B 116 -8.77 -10.73 -2.13
N HIS B 117 -8.84 -9.81 -1.16
CA HIS B 117 -7.67 -9.50 -0.36
C HIS B 117 -7.13 -10.75 0.30
N THR B 118 -7.99 -11.52 0.96
CA THR B 118 -7.54 -12.73 1.63
C THR B 118 -7.08 -13.79 0.63
N LEU B 119 -7.73 -13.91 -0.53
CA LEU B 119 -7.34 -14.94 -1.49
C LEU B 119 -5.93 -14.71 -2.02
N ILE B 120 -5.65 -13.50 -2.53
CA ILE B 120 -4.32 -13.25 -3.07
C ILE B 120 -3.27 -13.22 -1.96
N ARG B 121 -3.62 -12.66 -0.79
CA ARG B 121 -2.68 -12.65 0.32
C ARG B 121 -2.30 -14.07 0.73
N ALA B 122 -3.29 -14.95 0.85
CA ALA B 122 -3.05 -16.33 1.25
C ALA B 122 -2.29 -17.08 0.18
N THR B 123 -2.57 -16.81 -1.09
CA THR B 123 -1.81 -17.46 -2.16
C THR B 123 -0.34 -17.08 -2.10
N ASP B 124 -0.04 -15.79 -1.87
CA ASP B 124 1.34 -15.37 -1.75
C ASP B 124 2.01 -16.00 -0.53
N SER B 125 1.30 -16.02 0.61
CA SER B 125 1.89 -16.60 1.81
C SER B 125 2.13 -18.10 1.67
N LEU B 126 1.18 -18.81 1.07
CA LEU B 126 1.31 -20.24 0.84
C LEU B 126 2.41 -20.56 -0.15
N PHE B 127 2.59 -19.73 -1.19
CA PHE B 127 3.74 -19.89 -2.07
C PHE B 127 5.04 -19.67 -1.32
N THR B 128 5.10 -18.67 -0.43
CA THR B 128 6.29 -18.47 0.37
C THR B 128 6.59 -19.69 1.22
N LEU B 129 5.55 -20.28 1.82
CA LEU B 129 5.73 -21.47 2.64
C LEU B 129 6.19 -22.67 1.82
N TRP B 130 5.63 -22.86 0.62
CA TRP B 130 6.01 -23.98 -0.23
C TRP B 130 7.46 -23.90 -0.70
N LEU B 131 7.97 -22.71 -0.96
CA LEU B 131 9.28 -22.55 -1.58
C LEU B 131 10.39 -22.59 -0.52
N GLU B 132 10.32 -21.74 0.50
CA GLU B 132 11.39 -21.65 1.47
C GLU B 132 11.57 -22.97 2.21
N PHE B 133 10.52 -23.78 2.31
CA PHE B 133 10.60 -25.05 3.03
C PHE B 133 11.29 -26.14 2.21
N MET B 134 11.38 -25.97 0.88
CA MET B 134 12.05 -26.93 0.01
C MET B 134 13.56 -26.73 -0.11
N ARG B 135 14.09 -25.61 0.36
CA ARG B 135 15.50 -25.32 0.13
C ARG B 135 16.27 -25.40 1.43
N GLN B 136 15.90 -24.64 2.46
CA GLN B 136 16.73 -24.48 3.64
C GLN B 136 16.03 -24.94 4.92
N HIS B 137 14.81 -25.45 4.82
CA HIS B 137 14.11 -25.87 6.02
C HIS B 137 13.64 -27.33 6.01
N LEU B 138 13.75 -28.05 4.90
CA LEU B 138 13.53 -29.49 4.94
C LEU B 138 14.80 -30.28 5.19
N THR B 139 15.93 -29.85 4.63
CA THR B 139 17.19 -30.52 4.86
C THR B 139 17.70 -30.37 6.29
N THR B 140 17.34 -29.28 6.97
CA THR B 140 17.84 -29.05 8.32
C THR B 140 17.30 -30.08 9.30
N VAL B 141 16.03 -30.48 9.14
CA VAL B 141 15.45 -31.48 10.04
C VAL B 141 16.18 -32.81 9.89
N VAL B 142 16.41 -33.23 8.65
CA VAL B 142 17.14 -34.47 8.41
C VAL B 142 18.56 -34.37 8.94
N ALA B 143 19.20 -33.21 8.74
CA ALA B 143 20.57 -33.02 9.22
C ALA B 143 20.63 -33.16 10.74
N LEU B 144 19.69 -32.54 11.45
CA LEU B 144 19.68 -32.65 12.91
C LEU B 144 19.39 -34.09 13.35
N ALA B 145 18.42 -34.73 12.72
CA ALA B 145 18.04 -36.09 13.10
C ALA B 145 19.18 -37.07 12.85
N THR B 146 20.04 -36.80 11.87
CA THR B 146 21.21 -37.63 11.65
C THR B 146 22.39 -37.21 12.52
N LEU B 147 22.47 -35.93 12.89
CA LEU B 147 23.56 -35.44 13.73
C LEU B 147 23.46 -35.91 15.17
N ILE B 148 22.26 -35.98 15.74
CA ILE B 148 22.11 -36.34 17.14
C ILE B 148 22.75 -37.70 17.44
N PRO B 149 22.43 -38.77 16.71
CA PRO B 149 23.07 -40.06 17.04
C PRO B 149 24.55 -40.11 16.72
N VAL B 150 24.97 -39.51 15.60
CA VAL B 150 26.38 -39.51 15.25
C VAL B 150 27.20 -38.78 16.31
N ALA B 151 26.73 -37.59 16.71
CA ALA B 151 27.43 -36.83 17.74
C ALA B 151 27.40 -37.55 19.08
N MET B 152 26.27 -38.18 19.43
CA MET B 152 26.18 -38.90 20.69
C MET B 152 27.19 -40.04 20.73
N THR B 153 27.20 -40.89 19.70
CA THR B 153 28.11 -42.02 19.66
C THR B 153 29.56 -41.60 19.48
N MET B 154 29.80 -40.38 18.98
CA MET B 154 31.18 -39.89 18.93
C MET B 154 31.64 -39.44 20.30
N ASP B 155 30.94 -38.47 20.89
CA ASP B 155 31.27 -38.03 22.26
C ASP B 155 29.99 -37.52 22.91
N MET B 156 29.30 -38.41 23.63
CA MET B 156 28.05 -38.08 24.31
C MET B 156 28.14 -36.87 25.23
N ARG B 157 29.27 -36.65 25.90
CA ARG B 157 29.37 -35.52 26.81
C ARG B 157 29.39 -34.19 26.04
N MET B 158 30.19 -34.11 24.99
CA MET B 158 30.12 -32.92 24.14
C MET B 158 28.77 -32.80 23.46
N SER B 159 28.12 -33.94 23.16
CA SER B 159 26.80 -33.90 22.55
C SER B 159 25.79 -33.26 23.50
N LEU B 160 25.82 -33.63 24.77
CA LEU B 160 24.88 -33.05 25.71
C LEU B 160 25.21 -31.58 25.99
N VAL B 161 26.49 -31.22 26.01
CA VAL B 161 26.85 -29.80 26.09
C VAL B 161 26.27 -29.04 24.90
N LEU B 162 26.38 -29.63 23.71
CA LEU B 162 25.86 -29.02 22.50
C LEU B 162 24.34 -28.85 22.57
N ILE B 163 23.64 -29.86 23.07
CA ILE B 163 22.19 -29.77 23.21
C ILE B 163 21.81 -28.69 24.22
N VAL B 164 22.56 -28.59 25.33
CA VAL B 164 22.30 -27.55 26.31
C VAL B 164 22.46 -26.17 25.67
N LEU B 165 23.54 -25.98 24.89
CA LEU B 165 23.74 -24.71 24.22
C LEU B 165 22.60 -24.40 23.26
N GLY B 166 22.17 -25.40 22.49
CA GLY B 166 21.07 -25.19 21.56
C GLY B 166 19.78 -24.79 22.25
N VAL B 167 19.44 -25.49 23.34
CA VAL B 167 18.17 -25.20 24.01
C VAL B 167 18.21 -23.84 24.69
N ILE B 168 19.35 -23.48 25.31
CA ILE B 168 19.40 -22.16 25.92
C ILE B 168 19.35 -21.08 24.85
N TYR B 169 19.95 -21.32 23.69
CA TYR B 169 19.90 -20.34 22.61
C TYR B 169 18.46 -20.15 22.13
N VAL B 170 17.73 -21.25 21.93
CA VAL B 170 16.36 -21.09 21.44
C VAL B 170 15.47 -20.44 22.49
N MET B 171 15.70 -20.74 23.78
CA MET B 171 14.91 -20.09 24.82
C MET B 171 15.15 -18.58 24.85
N ILE B 172 16.41 -18.16 24.80
CA ILE B 172 16.68 -16.73 24.85
C ILE B 172 16.17 -16.05 23.59
N GLY B 173 16.26 -16.72 22.44
CA GLY B 173 15.69 -16.16 21.22
C GLY B 173 14.19 -15.96 21.32
N GLN B 174 13.48 -16.95 21.89
CA GLN B 174 12.03 -16.81 22.05
C GLN B 174 11.70 -15.67 23.01
N LEU B 175 12.45 -15.53 24.10
CA LEU B 175 12.21 -14.43 25.03
C LEU B 175 12.42 -13.08 24.34
N VAL B 176 13.48 -12.96 23.55
CA VAL B 176 13.74 -11.71 22.83
C VAL B 176 12.60 -11.42 21.86
N MET B 177 12.14 -12.44 21.14
CA MET B 177 11.04 -12.24 20.19
C MET B 177 9.78 -11.77 20.89
N ARG B 178 9.44 -12.39 22.03
CA ARG B 178 8.21 -12.00 22.71
C ARG B 178 8.31 -10.59 23.28
N LYS B 179 9.49 -10.20 23.79
CA LYS B 179 9.63 -8.84 24.29
C LYS B 179 9.50 -7.82 23.16
N THR B 180 10.11 -8.11 22.01
CA THR B 180 9.99 -7.21 20.87
C THR B 180 8.53 -7.06 20.44
N LYS B 181 7.81 -8.19 20.33
CA LYS B 181 6.41 -8.13 19.95
C LYS B 181 5.55 -7.41 20.98
N ASP B 182 5.91 -7.49 22.26
CA ASP B 182 5.19 -6.73 23.27
C ASP B 182 5.42 -5.23 23.10
N GLY B 183 6.64 -4.82 22.78
CA GLY B 183 6.91 -3.41 22.55
C GLY B 183 6.32 -2.85 21.27
N GLN B 184 6.05 -3.72 20.29
CA GLN B 184 5.58 -3.26 18.99
C GLN B 184 4.30 -2.44 19.10
N ALA B 185 3.38 -2.84 19.97
CA ALA B 185 2.10 -2.16 20.02
C ALA B 185 2.27 -0.68 20.34
N ALA B 186 2.98 -0.38 21.43
CA ALA B 186 3.18 1.01 21.83
C ALA B 186 4.02 1.76 20.80
N VAL B 187 5.10 1.14 20.32
CA VAL B 187 5.97 1.89 19.42
C VAL B 187 5.24 2.22 18.13
N GLU B 188 4.46 1.28 17.58
CA GLU B 188 3.73 1.55 16.35
C GLU B 188 2.61 2.56 16.57
N LYS B 189 1.95 2.50 17.73
CA LYS B 189 0.92 3.49 18.02
C LYS B 189 1.51 4.89 17.97
N HIS B 190 2.59 5.13 18.70
CA HIS B 190 3.18 6.47 18.72
C HIS B 190 3.72 6.86 17.33
N HIS B 191 4.35 5.91 16.65
CA HIS B 191 4.92 6.18 15.33
C HIS B 191 3.86 6.58 14.31
N HIS B 192 2.80 5.79 14.18
CA HIS B 192 1.73 6.14 13.25
C HIS B 192 1.02 7.41 13.66
N LYS B 193 0.87 7.65 14.97
CA LYS B 193 0.24 8.90 15.39
C LYS B 193 1.06 10.11 14.93
N LEU B 194 2.37 10.07 15.15
CA LEU B 194 3.20 11.21 14.77
C LEU B 194 3.22 11.40 13.26
N PHE B 195 3.33 10.32 12.50
CA PHE B 195 3.34 10.48 11.04
C PHE B 195 1.99 10.92 10.50
N GLU B 196 0.90 10.46 11.10
CA GLU B 196 -0.41 10.97 10.69
C GLU B 196 -0.51 12.47 10.96
N HIS B 197 -0.03 12.91 12.12
CA HIS B 197 -0.05 14.32 12.44
C HIS B 197 0.75 15.12 11.41
N VAL B 198 1.97 14.69 11.10
CA VAL B 198 2.79 15.47 10.18
C VAL B 198 2.21 15.44 8.77
N SER B 199 1.67 14.30 8.34
CA SER B 199 1.06 14.23 7.01
C SER B 199 -0.13 15.18 6.91
N ASP B 200 -0.98 15.20 7.93
CA ASP B 200 -2.14 16.10 7.91
C ASP B 200 -1.69 17.56 7.92
N THR B 201 -0.75 17.91 8.81
CA THR B 201 -0.36 19.30 8.99
C THR B 201 0.53 19.80 7.86
N ILE B 202 1.02 18.93 6.98
CA ILE B 202 1.71 19.44 5.80
C ILE B 202 0.81 19.41 4.57
N SER B 203 -0.01 18.37 4.40
CA SER B 203 -0.93 18.29 3.29
C SER B 203 -2.07 19.29 3.38
N ASN B 204 -2.36 19.80 4.57
CA ASN B 204 -3.36 20.87 4.68
C ASN B 204 -2.92 22.11 3.93
N VAL B 205 -1.64 22.49 4.10
CA VAL B 205 -0.90 23.51 3.34
C VAL B 205 -1.71 24.80 3.19
N SER B 206 -2.81 24.91 3.93
CA SER B 206 -3.66 26.09 3.86
C SER B 206 -4.08 26.57 5.24
N VAL B 207 -3.76 25.83 6.30
CA VAL B 207 -4.19 26.22 7.63
C VAL B 207 -3.00 26.37 8.56
N VAL B 208 -1.86 25.77 8.19
CA VAL B 208 -0.63 26.08 8.91
C VAL B 208 -0.24 27.53 8.71
N GLN B 209 -0.61 28.12 7.58
CA GLN B 209 -0.39 29.55 7.34
C GLN B 209 -1.65 30.38 7.51
N SER B 210 -2.80 29.75 7.78
CA SER B 210 -4.01 30.49 8.08
C SER B 210 -4.30 30.60 9.57
N TYR B 211 -3.33 30.27 10.43
CA TYR B 211 -3.55 30.38 11.86
C TYR B 211 -2.48 31.16 12.59
N ASN B 212 -1.34 31.42 11.94
CA ASN B 212 -0.18 32.03 12.62
C ASN B 212 0.22 31.19 13.83
N ARG B 213 0.34 29.88 13.60
CA ARG B 213 0.70 28.97 14.68
C ARG B 213 1.93 28.14 14.34
N ILE B 214 2.96 28.80 13.82
CA ILE B 214 4.23 28.12 13.60
C ILE B 214 4.82 27.65 14.94
N ALA B 215 4.85 28.54 15.92
CA ALA B 215 5.42 28.21 17.22
C ALA B 215 4.62 27.12 17.93
N SER B 216 3.29 27.23 17.92
CA SER B 216 2.47 26.25 18.62
C SER B 216 2.59 24.87 17.98
N GLU B 217 2.53 24.82 16.65
CA GLU B 217 2.68 23.54 15.96
C GLU B 217 4.06 22.94 16.19
N THR B 218 5.10 23.79 16.14
CA THR B 218 6.44 23.30 16.40
C THR B 218 6.57 22.73 17.81
N GLN B 219 6.02 23.43 18.80
CA GLN B 219 6.08 22.95 20.17
C GLN B 219 5.32 21.64 20.33
N ALA B 220 4.14 21.54 19.71
CA ALA B 220 3.36 20.31 19.81
C ALA B 220 4.10 19.14 19.18
N LEU B 221 4.73 19.36 18.03
CA LEU B 221 5.42 18.25 17.37
C LEU B 221 6.71 17.91 18.13
N ARG B 222 7.35 18.90 18.76
CA ARG B 222 8.47 18.61 19.63
C ARG B 222 8.04 17.75 20.81
N ASP B 223 6.88 18.06 21.40
CA ASP B 223 6.37 17.24 22.49
C ASP B 223 6.06 15.82 22.02
N TYR B 224 5.49 15.68 20.82
CA TYR B 224 5.23 14.35 20.28
C TYR B 224 6.52 13.58 20.07
N ALA B 225 7.56 14.24 19.54
CA ALA B 225 8.83 13.58 19.35
C ALA B 225 9.47 13.17 20.67
N LYS B 226 9.37 14.04 21.68
CA LYS B 226 9.89 13.70 23.00
C LYS B 226 9.15 12.50 23.59
N ASN B 227 7.82 12.45 23.43
CA ASN B 227 7.06 11.31 23.90
C ASN B 227 7.46 10.03 23.19
N LEU B 228 7.67 10.12 21.86
CA LEU B 228 8.09 8.93 21.12
C LEU B 228 9.47 8.47 21.56
N GLU B 229 10.38 9.41 21.82
CA GLU B 229 11.71 9.03 22.30
C GLU B 229 11.63 8.39 23.69
N ASN B 230 10.79 8.94 24.56
CA ASN B 230 10.63 8.36 25.90
C ASN B 230 9.99 6.98 25.84
N ALA B 231 9.15 6.73 24.83
CA ALA B 231 8.60 5.39 24.65
C ALA B 231 9.60 4.43 24.04
N GLN B 232 10.50 4.93 23.18
CA GLN B 232 11.52 4.11 22.57
C GLN B 232 12.65 3.74 23.51
N PHE B 233 12.96 4.61 24.48
CA PHE B 233 14.09 4.38 25.37
C PHE B 233 14.01 3.04 26.11
N PRO B 234 12.89 2.63 26.71
CA PRO B 234 12.88 1.34 27.42
C PRO B 234 13.22 0.14 26.54
N VAL B 235 12.82 0.15 25.27
CA VAL B 235 13.14 -0.98 24.39
C VAL B 235 14.24 -0.56 23.42
N LEU B 236 15.49 -0.73 23.83
CA LEU B 236 16.62 -0.52 22.94
C LEU B 236 17.52 -1.75 22.92
N ASN B 237 17.76 -2.32 24.11
CA ASN B 237 18.65 -3.47 24.22
C ASN B 237 18.08 -4.66 23.46
N TRP B 238 16.77 -4.86 23.54
CA TRP B 238 16.16 -6.03 22.92
C TRP B 238 16.32 -6.00 21.41
N TRP B 239 16.36 -4.81 20.81
CA TRP B 239 16.67 -4.74 19.39
C TRP B 239 18.08 -5.22 19.09
N ALA B 240 19.04 -4.84 19.93
CA ALA B 240 20.41 -5.30 19.74
C ALA B 240 20.48 -6.82 19.87
N LEU B 241 19.75 -7.38 20.85
CA LEU B 241 19.70 -8.82 21.00
C LEU B 241 19.12 -9.48 19.77
N ALA B 242 18.09 -8.87 19.21
CA ALA B 242 17.61 -9.59 18.03
C ALA B 242 18.60 -9.39 16.90
N SER B 243 19.23 -8.22 16.78
CA SER B 243 20.09 -8.10 15.59
C SER B 243 21.51 -8.50 15.85
N GLY B 244 21.67 -9.32 16.86
CA GLY B 244 22.97 -9.96 16.88
C GLY B 244 23.08 -11.25 17.68
N LEU B 245 21.95 -11.81 18.11
CA LEU B 245 22.00 -13.00 18.97
C LEU B 245 22.56 -14.21 18.24
N ASN B 246 22.36 -14.27 16.91
CA ASN B 246 22.94 -15.36 16.13
C ASN B 246 24.45 -15.39 16.30
N ARG B 247 25.11 -14.24 16.08
CA ARG B 247 26.55 -14.15 16.24
C ARG B 247 26.96 -14.32 17.69
N MET B 248 26.17 -13.77 18.62
CA MET B 248 26.38 -13.97 20.05
C MET B 248 26.54 -15.45 20.38
N ALA B 249 25.51 -16.24 20.09
CA ALA B 249 25.51 -17.66 20.43
C ALA B 249 26.57 -18.41 19.65
N SER B 250 26.78 -18.06 18.38
CA SER B 250 27.81 -18.74 17.60
C SER B 250 29.17 -18.59 18.24
N THR B 251 29.56 -17.34 18.55
CA THR B 251 30.87 -17.11 19.17
C THR B 251 30.97 -17.77 20.53
N PHE B 252 29.92 -17.66 21.35
CA PHE B 252 29.97 -18.24 22.69
C PHE B 252 30.12 -19.76 22.62
N SER B 253 29.35 -20.41 21.76
CA SER B 253 29.43 -21.86 21.62
C SER B 253 30.79 -22.29 21.09
N MET B 254 31.32 -21.56 20.10
CA MET B 254 32.63 -21.92 19.57
C MET B 254 33.70 -21.82 20.64
N VAL B 255 33.69 -20.73 21.41
CA VAL B 255 34.70 -20.56 22.45
C VAL B 255 34.58 -21.65 23.51
N VAL B 256 33.36 -21.93 23.96
CA VAL B 256 33.20 -22.89 25.05
C VAL B 256 33.58 -24.30 24.59
N VAL B 257 33.18 -24.68 23.37
CA VAL B 257 33.50 -26.01 22.90
C VAL B 257 35.00 -26.15 22.66
N LEU B 258 35.65 -25.10 22.14
CA LEU B 258 37.09 -25.20 21.90
C LEU B 258 37.86 -25.27 23.22
N VAL B 259 37.47 -24.46 24.21
CA VAL B 259 38.19 -24.52 25.48
C VAL B 259 37.95 -25.84 26.18
N LEU B 260 36.74 -26.40 26.09
CA LEU B 260 36.48 -27.70 26.68
C LEU B 260 37.29 -28.79 25.99
N GLY B 261 37.35 -28.76 24.66
CA GLY B 261 38.15 -29.73 23.94
C GLY B 261 39.63 -29.63 24.27
N ALA B 262 40.15 -28.40 24.37
CA ALA B 262 41.55 -28.23 24.75
C ALA B 262 41.81 -28.73 26.16
N TYR B 263 40.87 -28.50 27.08
CA TYR B 263 41.03 -29.00 28.44
C TYR B 263 41.06 -30.51 28.47
N PHE B 264 40.20 -31.17 27.68
CA PHE B 264 40.25 -32.63 27.62
C PHE B 264 41.52 -33.13 26.94
N VAL B 265 42.02 -32.42 25.93
CA VAL B 265 43.26 -32.83 25.28
C VAL B 265 44.45 -32.67 26.22
N THR B 266 44.36 -31.71 27.16
CA THR B 266 45.45 -31.51 28.11
C THR B 266 45.81 -32.81 28.83
N LYS B 267 44.82 -33.56 29.32
CA LYS B 267 45.08 -34.89 29.82
C LYS B 267 45.52 -35.81 28.69
N GLY B 268 44.74 -35.84 27.61
CA GLY B 268 45.09 -36.54 26.38
C GLY B 268 44.28 -37.80 26.18
N GLN B 269 43.19 -37.70 25.43
CA GLN B 269 42.47 -38.90 25.00
C GLN B 269 41.88 -38.75 23.60
N MET B 270 42.14 -37.66 22.89
CA MET B 270 41.48 -37.36 21.62
C MET B 270 42.49 -36.66 20.71
N ARG B 271 41.98 -36.00 19.66
CA ARG B 271 42.81 -35.34 18.67
C ARG B 271 42.20 -33.97 18.39
N VAL B 272 42.68 -33.34 17.31
CA VAL B 272 42.17 -32.03 16.92
C VAL B 272 41.10 -32.11 15.83
N GLY B 273 41.11 -33.18 15.01
CA GLY B 273 40.14 -33.28 13.94
C GLY B 273 38.72 -33.37 14.45
N ASP B 274 38.49 -34.19 15.47
CA ASP B 274 37.16 -34.25 16.08
C ASP B 274 36.77 -32.94 16.72
N VAL B 275 37.74 -32.19 17.26
CA VAL B 275 37.43 -30.90 17.87
C VAL B 275 36.96 -29.92 16.81
N ILE B 276 37.67 -29.83 15.68
CA ILE B 276 37.23 -28.90 14.65
C ILE B 276 35.94 -29.38 14.00
N ALA B 277 35.73 -30.70 13.94
CA ALA B 277 34.44 -31.20 13.46
C ALA B 277 33.31 -30.78 14.38
N PHE B 278 33.55 -30.82 15.70
CA PHE B 278 32.54 -30.36 16.64
C PHE B 278 32.29 -28.86 16.49
N ILE B 279 33.35 -28.09 16.22
CA ILE B 279 33.17 -26.64 16.00
C ILE B 279 32.30 -26.40 14.77
N GLY B 280 32.57 -27.14 13.70
CA GLY B 280 31.73 -27.04 12.51
C GLY B 280 30.29 -27.44 12.79
N PHE B 281 30.10 -28.50 13.58
CA PHE B 281 28.75 -28.90 13.97
C PHE B 281 28.04 -27.78 14.73
N ALA B 282 28.76 -27.14 15.65
CA ALA B 282 28.16 -26.07 16.44
C ALA B 282 27.73 -24.90 15.57
N GLN B 283 28.61 -24.45 14.67
CA GLN B 283 28.23 -23.32 13.82
C GLN B 283 27.09 -23.70 12.87
N LEU B 284 27.13 -24.92 12.33
CA LEU B 284 26.06 -25.35 11.43
C LEU B 284 24.72 -25.40 12.14
N MET B 285 24.67 -25.97 13.34
CA MET B 285 23.39 -26.05 14.05
C MET B 285 22.93 -24.67 14.48
N ILE B 286 23.86 -23.78 14.84
CA ILE B 286 23.45 -22.43 15.22
C ILE B 286 22.78 -21.73 14.05
N GLY B 287 23.40 -21.81 12.86
CA GLY B 287 22.78 -21.21 11.69
C GLY B 287 21.42 -21.83 11.37
N ARG B 288 21.33 -23.16 11.42
CA ARG B 288 20.08 -23.82 11.08
C ARG B 288 18.99 -23.51 12.09
N LEU B 289 19.35 -23.39 13.37
CA LEU B 289 18.35 -23.02 14.37
C LEU B 289 17.87 -21.58 14.17
N ASP B 290 18.78 -20.69 13.75
CA ASP B 290 18.34 -19.34 13.41
C ASP B 290 17.34 -19.36 12.25
N GLN B 291 17.64 -20.15 11.21
CA GLN B 291 16.72 -20.25 10.08
C GLN B 291 15.37 -20.82 10.52
N ILE B 292 15.39 -21.86 11.37
CA ILE B 292 14.16 -22.48 11.83
C ILE B 292 13.34 -21.49 12.66
N SER B 293 14.00 -20.72 13.52
CA SER B 293 13.27 -19.73 14.32
C SER B 293 12.63 -18.68 13.43
N ALA B 294 13.36 -18.21 12.41
CA ALA B 294 12.77 -17.25 11.49
C ALA B 294 11.56 -17.84 10.75
N PHE B 295 11.67 -19.10 10.33
CA PHE B 295 10.56 -19.77 9.67
C PHE B 295 9.35 -19.88 10.57
N ILE B 296 9.56 -20.25 11.84
CA ILE B 296 8.46 -20.38 12.77
C ILE B 296 7.80 -19.02 13.02
N ASN B 297 8.62 -17.97 13.13
CA ASN B 297 8.05 -16.64 13.31
C ASN B 297 7.18 -16.25 12.12
N GLN B 298 7.66 -16.50 10.90
CA GLN B 298 6.88 -16.19 9.72
C GLN B 298 5.58 -16.99 9.68
N THR B 299 5.66 -18.27 10.02
CA THR B 299 4.45 -19.10 10.04
C THR B 299 3.45 -18.62 11.08
N VAL B 300 3.93 -18.21 12.26
CA VAL B 300 3.02 -17.67 13.27
C VAL B 300 2.37 -16.39 12.78
N THR B 301 3.13 -15.54 12.09
CA THR B 301 2.53 -14.32 11.54
C THR B 301 1.47 -14.62 10.49
N ALA B 302 1.70 -15.63 9.65
CA ALA B 302 0.77 -15.93 8.56
C ALA B 302 -0.30 -16.96 8.92
N ARG B 303 -0.30 -17.45 10.16
CA ARG B 303 -1.24 -18.49 10.54
C ARG B 303 -2.69 -18.03 10.41
N ALA B 304 -2.98 -16.79 10.79
CA ALA B 304 -4.35 -16.30 10.68
C ALA B 304 -4.83 -16.30 9.24
N LYS B 305 -3.99 -15.82 8.32
CA LYS B 305 -4.37 -15.77 6.92
C LYS B 305 -4.55 -17.17 6.34
N LEU B 306 -3.63 -18.09 6.65
CA LEU B 306 -3.77 -19.46 6.16
C LEU B 306 -5.02 -20.13 6.73
N GLU B 307 -5.31 -19.92 8.01
CA GLU B 307 -6.51 -20.50 8.61
C GLU B 307 -7.76 -19.95 7.95
N GLU B 308 -7.80 -18.64 7.69
CA GLU B 308 -8.96 -18.06 7.03
C GLU B 308 -9.13 -18.61 5.62
N PHE B 309 -8.03 -18.75 4.87
CA PHE B 309 -8.13 -19.32 3.53
C PHE B 309 -8.63 -20.76 3.57
N PHE B 310 -8.11 -21.55 4.50
CA PHE B 310 -8.56 -22.94 4.61
C PHE B 310 -10.04 -23.01 4.96
N GLN B 311 -10.49 -22.15 5.89
CA GLN B 311 -11.89 -22.13 6.26
C GLN B 311 -12.76 -21.74 5.06
N MET B 312 -12.34 -20.75 4.28
CA MET B 312 -13.11 -20.36 3.11
C MET B 312 -13.16 -21.49 2.09
N GLU B 313 -12.03 -22.17 1.88
CA GLU B 313 -12.01 -23.27 0.93
C GLU B 313 -12.93 -24.40 1.37
N ASP B 314 -12.91 -24.74 2.66
CA ASP B 314 -13.83 -25.77 3.15
C ASP B 314 -15.28 -25.32 3.03
N ALA B 315 -15.56 -24.04 3.28
CA ALA B 315 -16.94 -23.55 3.16
C ALA B 315 -17.42 -23.63 1.72
N THR B 316 -16.58 -23.28 0.76
CA THR B 316 -16.96 -23.34 -0.64
C THR B 316 -16.77 -24.73 -1.25
N ALA B 317 -16.25 -25.69 -0.49
CA ALA B 317 -16.02 -27.03 -1.03
C ALA B 317 -17.34 -27.75 -1.27
N ASP B 318 -18.21 -27.81 -0.26
CA ASP B 318 -19.45 -28.55 -0.40
C ASP B 318 -20.40 -27.80 -1.32
N ARG B 319 -20.67 -28.38 -2.49
CA ARG B 319 -21.55 -27.76 -3.48
C ARG B 319 -22.54 -28.76 -4.04
N GLN B 320 -23.24 -28.38 -5.10
CA GLN B 320 -24.26 -29.20 -5.73
C GLN B 320 -23.59 -30.36 -6.49
N GLU B 321 -24.41 -31.29 -6.96
CA GLU B 321 -23.94 -32.46 -7.69
C GLU B 321 -24.17 -32.27 -9.17
N PRO B 322 -23.11 -32.27 -10.00
CA PRO B 322 -23.32 -32.16 -11.44
C PRO B 322 -24.08 -33.37 -11.98
N GLU B 323 -24.94 -33.11 -12.95
CA GLU B 323 -25.73 -34.17 -13.58
C GLU B 323 -26.23 -33.69 -14.94
N ASN B 324 -26.57 -34.66 -15.78
CA ASN B 324 -27.12 -34.36 -17.11
C ASN B 324 -28.65 -34.39 -17.06
N VAL B 325 -29.20 -33.42 -16.34
CA VAL B 325 -30.65 -33.33 -16.19
C VAL B 325 -31.26 -32.67 -17.41
N ALA B 326 -32.53 -32.97 -17.66
CA ALA B 326 -33.23 -32.44 -18.82
C ALA B 326 -33.39 -30.93 -18.73
N ASP B 327 -33.12 -30.26 -19.85
CA ASP B 327 -33.23 -28.82 -19.96
C ASP B 327 -34.45 -28.43 -20.78
N LEU B 328 -34.61 -27.14 -21.03
CA LEU B 328 -35.74 -26.61 -21.78
C LEU B 328 -35.24 -25.98 -23.07
N ASN B 329 -36.09 -26.02 -24.09
CA ASN B 329 -35.79 -25.45 -25.40
C ASN B 329 -36.99 -24.66 -25.91
N ASP B 330 -36.71 -23.61 -26.68
CA ASP B 330 -37.73 -22.77 -27.31
C ASP B 330 -38.69 -22.22 -26.26
N VAL B 331 -38.13 -21.41 -25.36
CA VAL B 331 -38.89 -20.79 -24.29
C VAL B 331 -39.88 -19.81 -24.88
N LYS B 332 -41.07 -19.74 -24.28
CA LYS B 332 -42.11 -18.83 -24.76
C LYS B 332 -42.25 -17.63 -23.84
N GLY B 333 -42.36 -17.87 -22.54
CA GLY B 333 -42.46 -16.79 -21.57
C GLY B 333 -43.71 -16.84 -20.73
N ASP B 334 -44.28 -18.04 -20.56
CA ASP B 334 -45.48 -18.25 -19.74
C ASP B 334 -45.03 -18.76 -18.37
N ILE B 335 -44.76 -17.82 -17.47
CA ILE B 335 -44.25 -18.15 -16.14
C ILE B 335 -45.39 -18.00 -15.13
N VAL B 336 -45.51 -18.98 -14.24
CA VAL B 336 -46.54 -18.97 -13.20
C VAL B 336 -45.84 -19.01 -11.85
N PHE B 337 -46.34 -18.19 -10.92
CA PHE B 337 -45.83 -18.14 -9.55
C PHE B 337 -46.98 -18.45 -8.59
N ASP B 338 -46.69 -19.29 -7.60
CA ASP B 338 -47.70 -19.68 -6.62
C ASP B 338 -47.06 -19.84 -5.25
N ASN B 339 -47.50 -19.04 -4.29
CA ASN B 339 -47.09 -19.16 -2.89
C ASN B 339 -45.58 -19.01 -2.73
N VAL B 340 -44.98 -18.16 -3.55
CA VAL B 340 -43.54 -17.94 -3.48
C VAL B 340 -43.23 -17.02 -2.31
N THR B 341 -42.26 -17.43 -1.48
CA THR B 341 -41.86 -16.64 -0.32
C THR B 341 -40.40 -16.96 0.00
N TYR B 342 -39.62 -15.91 0.24
CA TYR B 342 -38.22 -16.07 0.60
C TYR B 342 -37.83 -14.98 1.59
N GLU B 343 -36.97 -15.34 2.54
CA GLU B 343 -36.52 -14.43 3.58
C GLU B 343 -35.05 -14.06 3.32
N PHE B 344 -34.82 -12.78 3.03
CA PHE B 344 -33.47 -12.30 2.74
C PHE B 344 -32.61 -12.16 4.00
N PRO B 345 -33.04 -11.41 5.02
CA PRO B 345 -32.17 -11.19 6.19
C PRO B 345 -32.34 -12.21 7.31
N ASN B 346 -33.18 -13.24 7.12
CA ASN B 346 -33.43 -14.25 8.15
C ASN B 346 -33.98 -13.62 9.43
N SER B 347 -34.61 -12.45 9.31
CA SER B 347 -35.19 -11.77 10.46
C SER B 347 -36.54 -11.16 10.08
N GLY B 348 -37.23 -11.80 9.14
CA GLY B 348 -38.51 -11.29 8.67
C GLY B 348 -38.60 -11.30 7.15
N GLN B 349 -39.65 -11.94 6.63
CA GLN B 349 -39.82 -12.02 5.19
C GLN B 349 -40.23 -10.67 4.60
N GLY B 350 -39.73 -10.38 3.41
CA GLY B 350 -40.08 -9.15 2.73
C GLY B 350 -41.27 -9.32 1.81
N VAL B 351 -41.41 -10.50 1.21
CA VAL B 351 -42.51 -10.80 0.31
C VAL B 351 -43.40 -11.86 0.95
N TYR B 352 -44.66 -11.88 0.55
CA TYR B 352 -45.63 -12.85 1.02
C TYR B 352 -46.06 -13.75 -0.14
N ASP B 353 -46.99 -14.66 0.14
CA ASP B 353 -47.48 -15.56 -0.90
C ASP B 353 -48.26 -14.78 -1.95
N VAL B 354 -48.06 -15.17 -3.21
CA VAL B 354 -48.70 -14.51 -4.35
C VAL B 354 -48.92 -15.53 -5.44
N SER B 355 -50.01 -15.34 -6.20
CA SER B 355 -50.33 -16.18 -7.35
C SER B 355 -50.35 -15.29 -8.59
N PHE B 356 -49.29 -15.36 -9.39
CA PHE B 356 -49.13 -14.51 -10.55
C PHE B 356 -48.91 -15.33 -11.81
N GLU B 357 -49.43 -14.82 -12.92
CA GLU B 357 -49.26 -15.46 -14.22
C GLU B 357 -48.91 -14.40 -15.25
N VAL B 358 -47.91 -14.69 -16.08
CA VAL B 358 -47.50 -13.81 -17.17
C VAL B 358 -47.57 -14.62 -18.46
N LYS B 359 -48.14 -14.00 -19.50
CA LYS B 359 -48.33 -14.68 -20.77
C LYS B 359 -47.40 -14.11 -21.84
N PRO B 360 -47.00 -14.91 -22.82
CA PRO B 360 -46.12 -14.40 -23.88
C PRO B 360 -46.83 -13.33 -24.71
N GLY B 361 -46.02 -12.40 -25.24
CA GLY B 361 -46.56 -11.32 -26.04
C GLY B 361 -47.15 -10.18 -25.25
N GLN B 362 -46.89 -10.12 -23.94
CA GLN B 362 -47.42 -9.03 -23.11
C GLN B 362 -46.38 -8.69 -22.05
N THR B 363 -45.85 -7.46 -22.12
CA THR B 363 -44.90 -7.01 -21.12
C THR B 363 -45.60 -6.73 -19.79
N VAL B 364 -44.85 -6.85 -18.71
CA VAL B 364 -45.37 -6.67 -17.36
C VAL B 364 -44.50 -5.63 -16.66
N ALA B 365 -45.14 -4.64 -16.06
CA ALA B 365 -44.45 -3.56 -15.36
C ALA B 365 -44.92 -3.53 -13.92
N ILE B 366 -43.97 -3.43 -12.99
CA ILE B 366 -44.26 -3.35 -11.56
C ILE B 366 -43.69 -2.05 -11.02
N VAL B 367 -44.51 -1.27 -10.33
CA VAL B 367 -44.09 -0.03 -9.69
C VAL B 367 -44.48 -0.10 -8.23
N GLY B 368 -43.56 0.33 -7.35
CA GLY B 368 -43.78 0.26 -5.93
C GLY B 368 -42.97 1.26 -5.14
N PRO B 369 -43.17 1.25 -3.82
CA PRO B 369 -42.43 2.18 -2.94
C PRO B 369 -41.03 1.65 -2.64
N THR B 370 -40.36 2.28 -1.67
CA THR B 370 -38.99 1.96 -1.31
C THR B 370 -38.84 0.57 -0.70
N GLY B 371 -39.91 -0.24 -0.68
CA GLY B 371 -39.79 -1.60 -0.20
C GLY B 371 -38.89 -2.44 -1.09
N ALA B 372 -38.41 -3.55 -0.52
CA ALA B 372 -37.41 -4.39 -1.16
C ALA B 372 -38.03 -5.59 -1.89
N GLY B 373 -39.34 -5.59 -2.09
CA GLY B 373 -39.99 -6.70 -2.77
C GLY B 373 -39.63 -6.84 -4.22
N LYS B 374 -39.32 -5.73 -4.90
CA LYS B 374 -38.94 -5.79 -6.31
C LYS B 374 -37.65 -6.57 -6.51
N THR B 375 -36.68 -6.36 -5.61
CA THR B 375 -35.42 -7.09 -5.70
C THR B 375 -35.66 -8.59 -5.53
N THR B 376 -36.51 -8.96 -4.57
CA THR B 376 -36.84 -10.38 -4.38
C THR B 376 -37.54 -10.94 -5.61
N LEU B 377 -38.45 -10.17 -6.21
CA LEU B 377 -39.12 -10.63 -7.42
C LEU B 377 -38.12 -10.86 -8.55
N ILE B 378 -37.18 -9.94 -8.73
CA ILE B 378 -36.17 -10.11 -9.76
C ILE B 378 -35.31 -11.33 -9.48
N ASN B 379 -34.92 -11.52 -8.21
CA ASN B 379 -34.08 -12.67 -7.87
C ASN B 379 -34.80 -13.98 -8.13
N LEU B 380 -36.08 -14.07 -7.78
CA LEU B 380 -36.82 -15.31 -8.05
C LEU B 380 -37.06 -15.49 -9.54
N LEU B 381 -37.14 -14.39 -10.29
CA LEU B 381 -37.16 -14.50 -11.75
C LEU B 381 -35.87 -15.12 -12.28
N GLN B 382 -34.73 -14.67 -11.77
CA GLN B 382 -33.45 -15.20 -12.21
C GLN B 382 -33.14 -16.58 -11.62
N ARG B 383 -33.80 -16.93 -10.51
CA ARG B 383 -33.53 -18.19 -9.79
C ARG B 383 -32.05 -18.29 -9.43
N VAL B 384 -31.59 -17.32 -8.62
CA VAL B 384 -30.23 -17.33 -8.12
C VAL B 384 -30.10 -18.10 -6.81
N PHE B 385 -31.20 -18.62 -6.28
CA PHE B 385 -31.19 -19.39 -5.04
C PHE B 385 -32.29 -20.43 -5.13
N ASP B 386 -32.45 -21.19 -4.06
CA ASP B 386 -33.52 -22.19 -3.95
C ASP B 386 -34.61 -21.65 -3.03
N PRO B 387 -35.78 -21.32 -3.55
CA PRO B 387 -36.85 -20.78 -2.69
C PRO B 387 -37.28 -21.78 -1.62
N ALA B 388 -37.56 -21.26 -0.43
CA ALA B 388 -37.98 -22.11 0.68
C ALA B 388 -39.39 -22.65 0.46
N ALA B 389 -40.30 -21.81 -0.02
CA ALA B 389 -41.67 -22.21 -0.28
C ALA B 389 -42.18 -21.49 -1.51
N GLY B 390 -42.68 -22.26 -2.47
CA GLY B 390 -43.19 -21.69 -3.71
C GLY B 390 -43.11 -22.69 -4.83
N ARG B 391 -43.62 -22.27 -5.99
CA ARG B 391 -43.61 -23.09 -7.19
C ARG B 391 -43.46 -22.19 -8.41
N ILE B 392 -42.37 -22.39 -9.15
CA ILE B 392 -42.11 -21.66 -10.38
C ILE B 392 -42.05 -22.69 -11.51
N MET B 393 -42.93 -22.53 -12.50
CA MET B 393 -43.04 -23.48 -13.59
C MET B 393 -42.94 -22.75 -14.92
N ILE B 394 -42.27 -23.40 -15.88
CA ILE B 394 -42.14 -22.88 -17.24
C ILE B 394 -42.42 -24.01 -18.22
N ASP B 395 -43.27 -23.73 -19.21
CA ASP B 395 -43.55 -24.64 -20.31
C ASP B 395 -43.91 -26.05 -19.84
N GLY B 396 -44.71 -26.14 -18.78
CA GLY B 396 -45.07 -27.44 -18.26
C GLY B 396 -43.96 -28.15 -17.52
N THR B 397 -42.90 -27.43 -17.14
CA THR B 397 -41.75 -28.02 -16.48
C THR B 397 -41.35 -27.17 -15.28
N ASP B 398 -41.03 -27.84 -14.17
CA ASP B 398 -40.55 -27.15 -12.98
C ASP B 398 -39.15 -26.60 -13.23
N THR B 399 -38.86 -25.46 -12.58
CA THR B 399 -37.55 -24.86 -12.69
C THR B 399 -36.50 -25.58 -11.85
N ARG B 400 -36.91 -26.36 -10.86
CA ARG B 400 -35.95 -27.09 -10.04
C ARG B 400 -35.36 -28.29 -10.77
N THR B 401 -36.11 -28.88 -11.71
CA THR B 401 -35.64 -30.02 -12.47
C THR B 401 -34.96 -29.62 -13.78
N VAL B 402 -34.77 -28.32 -14.01
CA VAL B 402 -34.09 -27.82 -15.20
C VAL B 402 -32.79 -27.16 -14.74
N SER B 403 -31.68 -27.55 -15.37
CA SER B 403 -30.40 -26.99 -14.99
C SER B 403 -30.31 -25.52 -15.38
N ARG B 404 -29.40 -24.81 -14.70
CA ARG B 404 -29.21 -23.40 -14.95
C ARG B 404 -28.71 -23.10 -16.35
N ARG B 405 -28.13 -24.11 -17.04
CA ARG B 405 -27.50 -23.86 -18.33
C ARG B 405 -28.46 -23.25 -19.34
N SER B 406 -29.61 -23.88 -19.55
CA SER B 406 -30.59 -23.31 -20.47
C SER B 406 -31.54 -22.35 -19.77
N LEU B 407 -31.89 -22.66 -18.52
CA LEU B 407 -32.86 -21.88 -17.79
C LEU B 407 -32.42 -20.44 -17.65
N ARG B 408 -31.14 -20.22 -17.33
CA ARG B 408 -30.62 -18.88 -17.43
C ARG B 408 -30.48 -18.42 -18.88
N HIS B 409 -29.91 -19.25 -19.75
CA HIS B 409 -29.52 -18.78 -21.08
C HIS B 409 -30.69 -18.18 -21.84
N ALA B 410 -31.91 -18.59 -21.50
CA ALA B 410 -33.09 -17.97 -22.07
C ALA B 410 -33.42 -16.60 -21.47
N ILE B 411 -32.67 -16.13 -20.47
CA ILE B 411 -33.02 -14.94 -19.71
C ILE B 411 -31.87 -13.95 -19.75
N ALA B 412 -32.18 -12.69 -20.06
CA ALA B 412 -31.21 -11.60 -20.00
C ALA B 412 -31.25 -10.91 -18.64
N THR B 413 -30.49 -9.82 -18.51
CA THR B 413 -30.43 -9.05 -17.27
C THR B 413 -29.78 -7.71 -17.54
N VAL B 414 -30.36 -6.64 -17.02
CA VAL B 414 -29.76 -5.32 -17.05
C VAL B 414 -30.09 -4.58 -15.75
N PHE B 415 -29.05 -4.15 -15.05
CA PHE B 415 -29.18 -3.42 -13.79
C PHE B 415 -28.56 -2.04 -13.94
N GLN B 416 -28.45 -1.33 -12.81
CA GLN B 416 -27.92 0.02 -12.79
C GLN B 416 -26.40 -0.02 -12.95
N ASP B 417 -25.71 -0.61 -11.96
CA ASP B 417 -24.26 -0.65 -11.93
C ASP B 417 -23.79 -1.89 -12.69
N ALA B 418 -23.97 -1.84 -14.01
CA ALA B 418 -23.58 -2.95 -14.88
C ALA B 418 -22.06 -3.03 -14.92
N GLY B 419 -21.51 -4.14 -14.46
CA GLY B 419 -20.08 -4.30 -14.44
C GLY B 419 -19.51 -4.33 -15.85
N LEU B 420 -18.49 -3.51 -16.07
CA LEU B 420 -17.72 -3.50 -17.30
C LEU B 420 -16.30 -3.93 -17.01
N PHE B 421 -15.73 -4.72 -17.92
CA PHE B 421 -14.36 -5.16 -17.76
C PHE B 421 -13.41 -3.99 -17.98
N ASN B 422 -12.16 -4.18 -17.55
CA ASN B 422 -11.16 -3.13 -17.63
C ASN B 422 -10.51 -3.10 -19.02
N ARG B 423 -10.91 -4.01 -19.91
CA ARG B 423 -10.34 -4.05 -21.25
C ARG B 423 -11.09 -3.09 -22.16
N SER B 424 -10.89 -3.22 -23.47
CA SER B 424 -11.39 -2.27 -24.45
C SER B 424 -12.92 -2.33 -24.55
N VAL B 425 -13.49 -1.23 -25.05
CA VAL B 425 -14.94 -1.14 -25.26
C VAL B 425 -15.40 -2.09 -26.36
N GLU B 426 -14.57 -2.30 -27.39
CA GLU B 426 -14.95 -3.22 -28.46
C GLU B 426 -15.19 -4.62 -27.91
N ASP B 427 -14.32 -5.08 -27.00
CA ASP B 427 -14.55 -6.36 -26.35
C ASP B 427 -15.75 -6.32 -25.42
N ASN B 428 -15.97 -5.17 -24.76
CA ASN B 428 -17.14 -5.03 -23.90
C ASN B 428 -18.43 -5.04 -24.70
N ILE B 429 -18.35 -4.84 -26.01
CA ILE B 429 -19.53 -4.98 -26.86
C ILE B 429 -19.62 -6.39 -27.42
N ARG B 430 -18.49 -6.95 -27.85
CA ARG B 430 -18.46 -8.32 -28.35
C ARG B 430 -18.81 -9.34 -27.27
N VAL B 431 -18.75 -8.95 -26.00
CA VAL B 431 -19.08 -9.86 -24.91
C VAL B 431 -20.59 -10.01 -24.74
N GLY B 432 -21.38 -9.39 -25.61
CA GLY B 432 -22.83 -9.57 -25.54
C GLY B 432 -23.30 -10.90 -26.09
N ARG B 433 -22.59 -11.47 -27.06
CA ARG B 433 -22.91 -12.75 -27.65
C ARG B 433 -21.70 -13.67 -27.54
N ALA B 434 -21.95 -14.98 -27.62
CA ALA B 434 -20.89 -15.97 -27.39
C ALA B 434 -19.69 -15.73 -28.30
N ASN B 435 -19.89 -15.81 -29.62
CA ASN B 435 -18.80 -15.55 -30.55
C ASN B 435 -19.09 -14.29 -31.35
N ALA B 436 -20.23 -14.26 -32.03
CA ALA B 436 -20.69 -13.13 -32.85
C ALA B 436 -19.62 -12.81 -33.90
N THR B 437 -19.67 -11.61 -34.46
CA THR B 437 -18.76 -11.16 -35.50
C THR B 437 -18.95 -9.66 -35.69
N HIS B 438 -18.03 -9.03 -36.40
CA HIS B 438 -17.94 -7.56 -36.42
C HIS B 438 -18.72 -6.92 -37.56
N GLU B 439 -20.01 -7.23 -37.69
CA GLU B 439 -20.87 -6.38 -38.51
C GLU B 439 -22.14 -6.00 -37.76
N GLU B 440 -22.71 -6.95 -37.01
CA GLU B 440 -23.92 -6.67 -36.25
C GLU B 440 -23.64 -5.83 -35.00
N VAL B 441 -22.38 -5.74 -34.57
CA VAL B 441 -22.06 -4.86 -33.45
C VAL B 441 -22.32 -3.41 -33.81
N HIS B 442 -22.00 -3.02 -35.05
CA HIS B 442 -22.34 -1.68 -35.51
C HIS B 442 -23.84 -1.46 -35.55
N ALA B 443 -24.60 -2.47 -36.00
CA ALA B 443 -26.05 -2.35 -36.01
C ALA B 443 -26.60 -2.16 -34.61
N ALA B 444 -26.08 -2.93 -33.65
CA ALA B 444 -26.50 -2.77 -32.26
C ALA B 444 -26.15 -1.39 -31.72
N ALA B 445 -24.95 -0.90 -32.05
CA ALA B 445 -24.55 0.43 -31.60
C ALA B 445 -25.44 1.51 -32.17
N LYS B 446 -25.79 1.43 -33.46
CA LYS B 446 -26.74 2.36 -34.04
C LYS B 446 -28.12 2.25 -33.39
N ALA B 447 -28.57 1.02 -33.10
CA ALA B 447 -29.89 0.84 -32.51
C ALA B 447 -29.98 1.48 -31.13
N ALA B 448 -28.90 1.45 -30.35
CA ALA B 448 -28.87 2.07 -29.04
C ALA B 448 -28.32 3.49 -29.07
N ALA B 449 -28.03 4.01 -30.26
CA ALA B 449 -27.48 5.36 -30.43
C ALA B 449 -26.19 5.54 -29.63
N ALA B 450 -25.38 4.48 -29.58
CA ALA B 450 -24.13 4.49 -28.84
C ALA B 450 -22.92 4.38 -29.75
N HIS B 451 -23.10 4.63 -31.04
CA HIS B 451 -22.02 4.53 -32.02
C HIS B 451 -21.32 5.86 -32.27
N ASP B 452 -22.10 6.94 -32.45
CA ASP B 452 -21.50 8.24 -32.70
C ASP B 452 -20.74 8.75 -31.49
N PHE B 453 -21.23 8.47 -30.28
CA PHE B 453 -20.56 8.92 -29.07
C PHE B 453 -19.21 8.25 -28.86
N ILE B 454 -19.02 7.04 -29.38
CA ILE B 454 -17.78 6.29 -29.18
C ILE B 454 -16.87 6.34 -30.39
N LEU B 455 -17.38 6.63 -31.59
CA LEU B 455 -16.54 6.64 -32.78
C LEU B 455 -15.75 7.94 -32.91
N ALA B 456 -16.43 9.09 -32.86
CA ALA B 456 -15.74 10.36 -32.98
C ALA B 456 -14.91 10.67 -31.74
N LYS B 457 -15.51 10.54 -30.56
CA LYS B 457 -14.81 10.80 -29.32
C LYS B 457 -14.23 9.50 -28.77
N SER B 458 -13.64 9.58 -27.57
CA SER B 458 -13.08 8.43 -26.86
C SER B 458 -11.96 7.75 -27.65
N GLU B 459 -11.33 8.48 -28.57
CA GLU B 459 -10.23 7.96 -29.39
C GLU B 459 -10.63 6.66 -30.09
N GLY B 460 -11.77 6.69 -30.76
CA GLY B 460 -12.27 5.52 -31.44
C GLY B 460 -12.97 4.55 -30.50
N TYR B 461 -13.32 3.39 -31.05
CA TYR B 461 -14.02 2.34 -30.32
C TYR B 461 -13.07 1.30 -29.74
N ASP B 462 -11.78 1.64 -29.63
CA ASP B 462 -10.78 0.72 -29.11
C ASP B 462 -10.06 1.33 -27.92
N THR B 463 -10.82 1.97 -27.03
CA THR B 463 -10.26 2.59 -25.84
C THR B 463 -10.49 1.69 -24.62
N PHE B 464 -9.53 1.70 -23.71
CA PHE B 464 -9.60 0.93 -22.49
C PHE B 464 -10.38 1.69 -21.44
N VAL B 465 -11.40 1.05 -20.88
CA VAL B 465 -12.23 1.65 -19.84
C VAL B 465 -11.80 1.08 -18.50
N GLY B 466 -11.79 1.94 -17.48
CA GLY B 466 -11.38 1.56 -16.16
C GLY B 466 -12.40 0.70 -15.46
N GLU B 467 -12.03 0.24 -14.26
CA GLU B 467 -12.89 -0.62 -13.46
C GLU B 467 -14.12 0.16 -12.99
N ARG B 468 -15.27 -0.51 -12.99
CA ARG B 468 -16.54 0.08 -12.56
C ARG B 468 -16.88 1.34 -13.34
N GLY B 469 -16.42 1.41 -14.59
CA GLY B 469 -16.65 2.59 -15.42
C GLY B 469 -16.03 3.84 -14.85
N SER B 470 -14.80 3.73 -14.35
CA SER B 470 -14.14 4.87 -13.71
C SER B 470 -13.85 5.99 -14.70
N GLN B 471 -13.77 5.69 -15.99
CA GLN B 471 -13.48 6.70 -17.01
C GLN B 471 -14.74 7.27 -17.64
N LEU B 472 -15.86 6.55 -17.60
CA LEU B 472 -17.11 6.98 -18.19
C LEU B 472 -18.08 7.39 -17.07
N SER B 473 -19.31 7.72 -17.43
CA SER B 473 -20.32 8.12 -16.45
C SER B 473 -21.44 7.09 -16.48
N GLY B 474 -22.51 7.38 -15.73
CA GLY B 474 -23.65 6.49 -15.70
C GLY B 474 -24.32 6.33 -17.05
N GLY B 475 -24.43 7.42 -17.80
CA GLY B 475 -25.11 7.37 -19.07
C GLY B 475 -24.38 6.52 -20.11
N GLU B 476 -23.06 6.60 -20.13
CA GLU B 476 -22.30 5.86 -21.14
C GLU B 476 -22.38 4.36 -20.91
N ARG B 477 -22.09 3.90 -19.68
CA ARG B 477 -22.23 2.49 -19.36
C ARG B 477 -23.69 2.05 -19.48
N GLN B 478 -24.61 2.97 -19.19
CA GLN B 478 -26.04 2.74 -19.38
C GLN B 478 -26.36 2.38 -20.83
N ARG B 479 -25.91 3.21 -21.76
CA ARG B 479 -26.16 2.97 -23.18
C ARG B 479 -25.46 1.71 -23.65
N LEU B 480 -24.25 1.45 -23.15
CA LEU B 480 -23.56 0.22 -23.51
C LEU B 480 -24.33 -1.01 -23.04
N ALA B 481 -24.88 -0.96 -21.82
CA ALA B 481 -25.67 -2.08 -21.32
C ALA B 481 -26.93 -2.27 -22.13
N ILE B 482 -27.59 -1.17 -22.52
CA ILE B 482 -28.78 -1.26 -23.35
C ILE B 482 -28.43 -1.90 -24.70
N ALA B 483 -27.31 -1.49 -25.29
CA ALA B 483 -26.88 -2.07 -26.56
C ALA B 483 -26.57 -3.55 -26.42
N ARG B 484 -25.90 -3.93 -25.33
CA ARG B 484 -25.61 -5.34 -25.11
C ARG B 484 -26.89 -6.15 -24.98
N ALA B 485 -27.85 -5.63 -24.22
CA ALA B 485 -29.12 -6.33 -24.03
C ALA B 485 -29.86 -6.50 -25.36
N ILE B 486 -29.90 -5.44 -26.18
CA ILE B 486 -30.63 -5.55 -27.44
C ILE B 486 -29.91 -6.45 -28.43
N LEU B 487 -28.57 -6.47 -28.44
CA LEU B 487 -27.88 -7.36 -29.37
C LEU B 487 -27.96 -8.81 -28.90
N LYS B 488 -28.12 -9.03 -27.59
CA LYS B 488 -28.27 -10.39 -27.09
C LYS B 488 -29.58 -11.03 -27.55
N ASP B 489 -30.57 -10.22 -27.93
CA ASP B 489 -31.86 -10.66 -28.45
C ASP B 489 -32.43 -11.83 -27.66
N SER B 490 -32.37 -11.72 -26.33
CA SER B 490 -32.91 -12.77 -25.48
C SER B 490 -34.43 -12.81 -25.60
N PRO B 491 -35.05 -13.98 -25.46
CA PRO B 491 -36.51 -14.05 -25.52
C PRO B 491 -37.19 -13.25 -24.42
N ILE B 492 -36.59 -13.14 -23.24
CA ILE B 492 -37.16 -12.43 -22.11
C ILE B 492 -36.18 -11.38 -21.64
N LEU B 493 -36.66 -10.15 -21.44
CA LEU B 493 -35.84 -9.04 -20.96
C LEU B 493 -36.37 -8.61 -19.60
N VAL B 494 -35.47 -8.49 -18.63
CA VAL B 494 -35.80 -8.00 -17.30
C VAL B 494 -35.10 -6.67 -17.12
N LEU B 495 -35.86 -5.66 -16.70
CA LEU B 495 -35.35 -4.30 -16.55
C LEU B 495 -35.57 -3.82 -15.12
N ASP B 496 -34.57 -3.10 -14.58
CA ASP B 496 -34.66 -2.60 -13.21
C ASP B 496 -34.01 -1.21 -13.17
N GLU B 497 -34.85 -0.18 -13.32
CA GLU B 497 -34.40 1.21 -13.35
C GLU B 497 -33.28 1.41 -14.38
N ALA B 498 -33.36 0.68 -15.49
CA ALA B 498 -32.35 0.74 -16.52
C ALA B 498 -32.48 1.97 -17.41
N THR B 499 -33.44 2.85 -17.14
CA THR B 499 -33.49 4.16 -17.79
C THR B 499 -33.72 5.23 -16.72
N SER B 500 -32.63 5.65 -16.06
CA SER B 500 -32.72 6.71 -15.05
C SER B 500 -31.48 7.60 -15.02
N ALA B 501 -30.71 7.65 -16.13
CA ALA B 501 -29.42 8.33 -16.08
C ALA B 501 -29.16 9.17 -17.33
N LEU B 502 -30.20 9.74 -17.93
CA LEU B 502 -30.03 10.59 -19.11
C LEU B 502 -31.11 11.65 -19.11
N ASP B 503 -30.94 12.63 -19.98
CA ASP B 503 -31.90 13.72 -20.11
C ASP B 503 -33.12 13.26 -20.89
N VAL B 504 -34.13 14.13 -20.99
CA VAL B 504 -35.40 13.76 -21.58
C VAL B 504 -35.26 13.42 -23.06
N GLU B 505 -34.47 14.21 -23.80
CA GLU B 505 -34.36 14.00 -25.24
C GLU B 505 -33.77 12.64 -25.58
N THR B 506 -32.74 12.22 -24.85
CA THR B 506 -32.16 10.89 -25.06
C THR B 506 -33.03 9.79 -24.47
N GLU B 507 -33.68 10.06 -23.34
CA GLU B 507 -34.54 9.06 -22.71
C GLU B 507 -35.70 8.69 -23.62
N GLU B 508 -36.29 9.69 -24.29
CA GLU B 508 -37.43 9.42 -25.17
C GLU B 508 -37.02 8.51 -26.32
N LYS B 509 -35.87 8.79 -26.94
CA LYS B 509 -35.44 7.94 -28.05
C LYS B 509 -34.99 6.57 -27.58
N VAL B 510 -34.42 6.47 -26.38
CA VAL B 510 -34.07 5.16 -25.84
C VAL B 510 -35.32 4.33 -25.62
N THR B 511 -36.36 4.93 -25.03
CA THR B 511 -37.61 4.21 -24.82
C THR B 511 -38.24 3.82 -26.15
N GLN B 512 -38.22 4.72 -27.13
CA GLN B 512 -38.78 4.41 -28.44
C GLN B 512 -38.04 3.24 -29.09
N ALA B 513 -36.70 3.22 -28.97
CA ALA B 513 -35.93 2.14 -29.55
C ALA B 513 -36.24 0.81 -28.85
N VAL B 514 -36.23 0.80 -27.52
CA VAL B 514 -36.46 -0.45 -26.80
C VAL B 514 -37.90 -0.93 -26.96
N ASP B 515 -38.83 -0.05 -27.30
CA ASP B 515 -40.20 -0.47 -27.57
C ASP B 515 -40.37 -0.97 -29.00
N GLU B 516 -39.76 -0.29 -29.99
CA GLU B 516 -39.87 -0.72 -31.38
C GLU B 516 -39.12 -2.02 -31.61
N LEU B 517 -38.05 -2.27 -30.86
CA LEU B 517 -37.25 -3.47 -31.01
C LEU B 517 -37.75 -4.62 -30.14
N SER B 518 -38.88 -4.45 -29.46
CA SER B 518 -39.41 -5.50 -28.58
C SER B 518 -40.93 -5.47 -28.66
N HIS B 519 -41.48 -6.33 -29.53
CA HIS B 519 -42.92 -6.55 -29.62
C HIS B 519 -43.32 -7.99 -29.35
N ASN B 520 -42.59 -8.95 -29.92
CA ASN B 520 -42.89 -10.37 -29.76
C ASN B 520 -42.21 -10.97 -28.53
N ARG B 521 -41.83 -10.13 -27.57
CA ARG B 521 -41.19 -10.60 -26.34
C ARG B 521 -41.82 -9.86 -25.16
N THR B 522 -41.67 -10.46 -23.98
CA THR B 522 -42.20 -9.90 -22.75
C THR B 522 -41.06 -9.28 -21.95
N THR B 523 -41.25 -8.04 -21.53
CA THR B 523 -40.25 -7.31 -20.76
C THR B 523 -40.79 -6.98 -19.37
N PHE B 524 -39.90 -6.99 -18.39
CA PHE B 524 -40.23 -6.70 -17.00
C PHE B 524 -39.46 -5.45 -16.59
N ILE B 525 -40.11 -4.30 -16.67
CA ILE B 525 -39.47 -3.02 -16.38
C ILE B 525 -39.83 -2.61 -14.95
N ILE B 526 -38.82 -2.22 -14.17
CA ILE B 526 -38.99 -1.82 -12.79
C ILE B 526 -38.30 -0.47 -12.63
N ALA B 527 -39.09 0.59 -12.47
CA ALA B 527 -38.53 1.92 -12.34
C ALA B 527 -39.47 2.81 -11.53
N HIS B 528 -38.88 3.72 -10.76
CA HIS B 528 -39.63 4.72 -10.02
C HIS B 528 -40.15 5.84 -10.91
N ARG B 529 -39.43 6.18 -11.98
CA ARG B 529 -39.88 7.23 -12.89
C ARG B 529 -41.14 6.78 -13.61
N LEU B 530 -42.07 7.72 -13.78
CA LEU B 530 -43.35 7.43 -14.41
C LEU B 530 -43.37 7.78 -15.89
N SER B 531 -42.21 7.72 -16.55
CA SER B 531 -42.10 8.02 -17.97
C SER B 531 -42.11 6.77 -18.84
N THR B 532 -41.37 5.73 -18.46
CA THR B 532 -41.31 4.49 -19.23
C THR B 532 -42.38 3.49 -18.83
N VAL B 533 -43.13 3.75 -17.75
CA VAL B 533 -44.16 2.79 -17.33
C VAL B 533 -45.41 2.93 -18.19
N ARG B 534 -45.60 4.08 -18.84
CA ARG B 534 -46.77 4.28 -19.68
C ARG B 534 -46.71 3.48 -20.98
N SER B 535 -45.51 3.06 -21.39
CA SER B 535 -45.32 2.28 -22.60
C SER B 535 -45.40 0.77 -22.36
N ALA B 536 -46.03 0.35 -21.27
CA ALA B 536 -46.16 -1.05 -20.91
C ALA B 536 -47.54 -1.56 -21.31
N ASP B 537 -47.84 -2.81 -20.95
CA ASP B 537 -49.13 -3.42 -21.26
C ASP B 537 -49.88 -3.75 -19.98
N LEU B 538 -49.22 -4.46 -19.06
CA LEU B 538 -49.83 -4.86 -17.80
C LEU B 538 -49.25 -4.03 -16.67
N VAL B 539 -50.12 -3.45 -15.85
CA VAL B 539 -49.71 -2.60 -14.75
C VAL B 539 -49.90 -3.36 -13.44
N LEU B 540 -48.85 -3.39 -12.61
CA LEU B 540 -48.86 -4.07 -11.33
C LEU B 540 -48.68 -3.06 -10.21
N PHE B 541 -48.86 -3.53 -8.97
CA PHE B 541 -48.65 -2.69 -7.80
C PHE B 541 -47.95 -3.50 -6.73
N MET B 542 -46.99 -2.86 -6.07
CA MET B 542 -46.21 -3.47 -5.01
C MET B 542 -46.42 -2.68 -3.72
N ASP B 543 -46.68 -3.38 -2.63
CA ASP B 543 -46.77 -2.73 -1.32
C ASP B 543 -46.51 -3.76 -0.23
N LYS B 544 -45.29 -3.76 0.31
CA LYS B 544 -44.93 -4.55 1.49
C LYS B 544 -45.30 -6.03 1.32
N GLY B 545 -45.00 -6.58 0.16
CA GLY B 545 -45.31 -7.97 -0.11
C GLY B 545 -46.79 -8.27 -0.18
N HIS B 546 -47.55 -7.40 -0.85
CA HIS B 546 -48.99 -7.58 -1.01
C HIS B 546 -49.38 -7.23 -2.44
N LEU B 547 -50.58 -7.64 -2.83
CA LEU B 547 -51.15 -7.31 -4.12
C LEU B 547 -52.44 -6.53 -3.91
N VAL B 548 -52.56 -5.40 -4.60
CA VAL B 548 -53.78 -4.60 -4.53
C VAL B 548 -54.31 -4.31 -5.93
N GLU B 549 -53.44 -3.85 -6.84
CA GLU B 549 -53.84 -3.48 -8.19
C GLU B 549 -53.07 -4.33 -9.18
N SER B 550 -53.78 -4.97 -10.10
CA SER B 550 -53.17 -5.79 -11.14
C SER B 550 -54.09 -5.80 -12.34
N GLY B 551 -53.79 -4.97 -13.34
CA GLY B 551 -54.63 -4.88 -14.51
C GLY B 551 -53.98 -4.15 -15.67
N SER B 552 -54.79 -3.42 -16.45
CA SER B 552 -54.33 -2.71 -17.63
C SER B 552 -54.50 -1.21 -17.42
N PHE B 553 -54.19 -0.44 -18.47
CA PHE B 553 -54.30 1.02 -18.40
C PHE B 553 -55.74 1.49 -18.48
N ASN B 554 -56.67 0.64 -18.94
CA ASN B 554 -58.07 0.99 -19.06
C ASN B 554 -58.89 0.61 -17.82
N GLU B 555 -58.22 0.16 -16.75
CA GLU B 555 -58.90 -0.21 -15.51
C GLU B 555 -58.38 0.55 -14.30
N LEU B 556 -57.18 1.13 -14.36
CA LEU B 556 -56.57 1.80 -13.22
C LEU B 556 -57.13 3.20 -12.97
N ALA B 557 -57.99 3.71 -13.85
CA ALA B 557 -58.53 5.05 -13.70
C ALA B 557 -59.43 5.19 -12.47
N GLU B 558 -60.01 4.09 -12.00
CA GLU B 558 -60.88 4.17 -10.83
C GLU B 558 -60.65 3.03 -9.83
N ARG B 559 -59.61 2.22 -10.01
CA ARG B 559 -59.35 1.06 -9.15
C ARG B 559 -58.16 1.39 -8.26
N GLY B 560 -58.38 1.32 -6.95
CA GLY B 560 -57.35 1.61 -5.98
C GLY B 560 -57.37 3.06 -5.55
N GLY B 561 -56.91 3.28 -4.32
CA GLY B 561 -56.85 4.61 -3.75
C GLY B 561 -55.45 5.18 -3.70
N ARG B 562 -54.47 4.35 -3.36
CA ARG B 562 -53.08 4.81 -3.32
C ARG B 562 -52.51 4.99 -4.71
N PHE B 563 -52.88 4.12 -5.66
CA PHE B 563 -52.34 4.22 -7.00
C PHE B 563 -52.76 5.51 -7.68
N SER B 564 -54.02 5.92 -7.50
CA SER B 564 -54.48 7.18 -8.07
C SER B 564 -53.72 8.35 -7.47
N ASP B 565 -53.47 8.33 -6.16
CA ASP B 565 -52.71 9.38 -5.52
C ASP B 565 -51.28 9.44 -6.06
N LEU B 566 -50.65 8.29 -6.24
CA LEU B 566 -49.30 8.27 -6.80
C LEU B 566 -49.30 8.76 -8.25
N LEU B 567 -50.32 8.41 -9.02
CA LEU B 567 -50.38 8.84 -10.41
C LEU B 567 -50.56 10.36 -10.52
N ARG B 568 -51.43 10.92 -9.67
CA ARG B 568 -51.64 12.37 -9.71
C ARG B 568 -50.50 13.15 -9.07
N ALA B 569 -49.74 12.52 -8.17
CA ALA B 569 -48.64 13.22 -7.52
C ALA B 569 -47.55 13.60 -8.52
N GLY B 570 -47.23 12.70 -9.45
CA GLY B 570 -46.20 12.96 -10.42
C GLY B 570 -46.37 12.17 -11.72
C2 BGC C . 7.55 0.33 9.16
C3 BGC C . 6.28 0.40 10.00
C4 BGC C . 5.79 -0.99 10.35
C5 BGC C . 5.71 -1.90 9.14
C6 BGC C . 4.28 -2.35 8.88
C1 BGC C . 7.51 -0.71 8.06
O2 BGC C . 8.67 -0.09 9.93
O3 BGC C . 5.29 1.10 9.23
O4 BGC C . 6.70 -1.58 11.29
O5 BGC C . 6.19 -1.25 7.97
O6 BGC C . 3.54 -1.26 8.33
C2 BGC C . 10.24 0.25 11.67
C3 BGC C . 10.82 1.33 12.54
C4 BGC C . 11.61 2.35 11.71
C5 BGC C . 11.31 2.30 10.21
C6 BGC C . 12.30 1.45 9.41
C1 BGC C . 9.29 0.96 10.69
O2 BGC C . 9.61 -0.73 12.51
O3 BGC C . 11.66 0.74 13.52
O4 BGC C . 11.30 3.66 12.20
O5 BGC C . 9.95 1.97 9.92
O6 BGC C . 11.75 1.15 8.12
C2 BGC C . 11.15 -2.79 12.79
C3 BGC C . 11.31 -4.27 12.43
C4 BGC C . 10.14 -4.89 11.69
C5 BGC C . 9.47 -3.87 10.80
C6 BGC C . 8.38 -4.50 9.94
C1 BGC C . 10.01 -2.08 12.07
O2 BGC C . 12.35 -2.15 12.35
O3 BGC C . 11.55 -5.02 13.62
O4 BGC C . 10.62 -5.96 10.89
O5 BGC C . 8.94 -2.93 11.70
O6 BGC C . 8.98 -5.03 8.76
C2 BGC C . 14.72 -2.59 12.49
C3 BGC C . 15.89 -1.88 13.16
C4 BGC C . 15.80 -1.92 14.67
C5 BGC C . 14.49 -1.32 15.16
C6 BGC C . 14.70 0.01 15.88
C1 BGC C . 13.44 -2.33 13.26
O2 BGC C . 14.96 -4.01 12.33
O3 BGC C . 15.87 -0.51 12.75
O4 BGC C . 15.93 -3.27 15.13
O5 BGC C . 13.59 -1.16 14.06
O6 BGC C . 13.82 0.11 17.01
C2 BGC C . 15.55 -5.93 10.69
C3 BGC C . 14.29 -6.75 10.44
C4 BGC C . 13.52 -6.25 9.21
C5 BGC C . 13.97 -4.84 8.84
C6 BGC C . 13.08 -4.19 7.80
C1 BGC C . 15.13 -4.45 10.91
O2 BGC C . 16.48 -6.15 9.59
O3 BGC C . 13.44 -6.61 11.57
O4 BGC C . 13.79 -7.12 8.12
O5 BGC C . 14.04 -4.08 10.04
O6 BGC C . 13.73 -2.99 7.36
C2 BGC C . 17.13 -7.88 7.93
C3 BGC C . 18.29 -7.15 7.33
C4 BGC C . 19.58 -7.65 7.97
C5 BGC C . 19.42 -8.11 9.41
C6 BGC C . 20.69 -7.82 10.20
C1 BGC C . 17.05 -7.49 9.44
O2 BGC C . 17.37 -9.27 7.54
O3 BGC C . 18.14 -5.75 7.56
O4 BGC C . 20.06 -8.75 7.19
O5 BGC C . 18.33 -7.47 10.06
O6 BGC C . 21.78 -8.59 9.70
C2 BGC C . 15.65 -11.21 7.13
C3 BGC C . 14.20 -11.29 7.59
C4 BGC C . 14.02 -11.03 9.09
C5 BGC C . 15.28 -11.20 9.96
C6 BGC C . 15.48 -12.64 10.46
C1 BGC C . 16.43 -10.24 8.04
O2 BGC C . 15.70 -10.81 5.74
O3 BGC C . 13.71 -12.60 7.27
O4 BGC C . 13.48 -9.71 9.29
O5 BGC C . 16.49 -10.72 9.38
O6 BGC C . 16.36 -13.36 9.59
C2 BGC C . 16.21 -11.13 3.41
C3 BGC C . 17.23 -10.07 3.10
C4 BGC C . 18.63 -10.68 3.08
C5 BGC C . 18.79 -11.77 4.13
C6 BGC C . 20.19 -11.80 4.72
C1 BGC C . 16.50 -11.64 4.84
O2 BGC C . 16.38 -12.10 2.34
O3 BGC C . 17.15 -9.06 4.10
O4 BGC C . 18.91 -11.21 1.78
O5 BGC C . 17.88 -11.56 5.19
O6 BGC C . 20.17 -12.59 5.91
C2 BGC C . 15.51 -13.46 0.43
C3 BGC C . 16.41 -14.68 0.61
C4 BGC C . 16.61 -15.01 2.07
C5 BGC C . 15.26 -15.02 2.79
C6 BGC C . 15.42 -15.50 4.23
C1 BGC C . 15.21 -12.80 1.82
O2 BGC C . 14.35 -13.85 -0.37
O3 BGC C . 17.68 -14.46 -0.01
O4 BGC C . 17.25 -16.29 2.20
O5 BGC C . 14.66 -13.72 2.76
O6 BGC C . 14.21 -15.26 4.95
C2 BGC C . 12.64 -13.37 -2.19
C3 BGC C . 11.32 -12.65 -1.96
C4 BGC C . 11.57 -11.15 -1.88
C5 BGC C . 12.46 -10.78 -0.72
C6 BGC C . 11.70 -10.06 0.37
C1 BGC C . 13.67 -12.81 -1.16
O2 BGC C . 12.94 -13.21 -3.61
O3 BGC C . 10.68 -13.16 -0.78
O4 BGC C . 12.31 -10.76 -3.03
O5 BGC C . 13.01 -11.98 -0.21
O6 BGC C . 10.80 -10.98 1.01
C2 BGC C . 11.51 -13.72 -5.70
C3 BGC C . 10.89 -14.89 -6.42
C4 BGC C . 11.98 -15.85 -6.84
C5 BGC C . 12.72 -16.24 -5.58
C6 BGC C . 13.80 -17.28 -5.83
C1 BGC C . 12.33 -14.20 -4.51
O2 BGC C . 10.45 -12.88 -5.25
O3 BGC C . 10.17 -14.46 -7.58
O4 BGC C . 11.39 -16.99 -7.47
O5 BGC C . 13.31 -15.09 -5.00
O6 BGC C . 14.37 -17.57 -4.55
C2 BGC C . 9.59 -10.48 -5.23
C3 BGC C . 10.16 -9.07 -5.37
C4 BGC C . 10.90 -8.88 -6.68
C5 BGC C . 12.01 -9.92 -6.77
C6 BGC C . 13.38 -9.30 -6.61
C1 BGC C . 10.55 -11.52 -5.82
O2 BGC C . 8.28 -10.49 -5.82
O3 BGC C . 11.02 -8.75 -4.28
O4 BGC C . 9.98 -8.98 -7.78
O5 BGC C . 11.83 -10.88 -5.74
O6 BGC C . 13.56 -8.31 -7.62
C2 BGC C . 6.20 -10.53 -4.43
C3 BGC C . 5.12 -11.52 -4.01
C4 BGC C . 5.70 -12.91 -3.71
C5 BGC C . 6.51 -13.45 -4.89
C6 BGC C . 5.70 -14.38 -5.79
C1 BGC C . 7.42 -11.28 -4.99
O2 BGC C . 6.51 -9.64 -3.33
O3 BGC C . 4.13 -11.61 -5.04
O4 BGC C . 6.47 -12.88 -2.51
O5 BGC C . 7.01 -12.42 -5.72
O6 BGC C . 5.15 -13.61 -6.85
C2 BGC C . 6.41 -7.25 -2.71
C3 BGC C . 7.40 -6.71 -3.76
C4 BGC C . 7.03 -7.14 -5.18
C5 BGC C . 5.52 -7.17 -5.35
C6 BGC C . 5.11 -7.44 -6.79
C1 BGC C . 5.66 -8.46 -3.29
O2 BGC C . 5.68 -6.04 -2.42
O3 BGC C . 8.74 -7.06 -3.42
O4 BGC C . 7.63 -6.27 -6.14
O5 BGC C . 4.97 -8.20 -4.53
O6 BGC C . 5.70 -8.66 -7.23
C2 BGC C . 5.03 -4.45 -0.84
C3 BGC C . 4.39 -3.31 -1.65
C4 BGC C . 2.88 -3.48 -1.79
C5 BGC C . 2.49 -4.94 -1.62
C6 BGC C . 1.19 -5.21 -2.34
C1 BGC C . 4.66 -5.83 -1.40
O2 BGC C . 4.64 -4.31 0.55
O3 BGC C . 4.96 -3.29 -2.97
O4 BGC C . 2.20 -2.68 -0.82
O5 BGC C . 3.53 -5.70 -2.21
O6 BGC C . 1.36 -4.67 -3.65
C2 BGC C . 4.18 -2.50 2.16
C3 BGC C . 3.72 -3.24 3.40
C4 BGC C . 4.88 -3.84 4.21
C5 BGC C . 6.22 -3.44 3.64
C6 BGC C . 7.37 -4.09 4.39
C1 BGC C . 5.27 -3.30 1.41
O2 BGC C . 4.55 -1.13 2.46
O3 BGC C . 2.82 -4.29 3.02
O4 BGC C . 4.77 -3.38 5.55
O5 BGC C . 6.28 -3.82 2.27
O6 BGC C . 7.41 -3.65 5.75
C2 BGC C . 4.21 0.64 4.18
C3 BGC C . 3.49 0.77 5.52
C4 BGC C . 2.04 0.30 5.44
C5 BGC C . 1.46 0.22 4.02
C6 BGC C . 0.87 1.56 3.58
C1 BGC C . 3.67 -0.61 3.48
O2 BGC C . 5.65 0.58 4.27
O3 BGC C . 3.47 2.15 5.91
O4 BGC C . 1.89 -0.97 6.10
O5 BGC C . 2.36 -0.29 3.02
O6 BGC C . 0.07 2.09 4.66
C2 BGC C . 7.60 -0.11 5.57
C3 BGC C . 8.52 0.75 4.71
C4 BGC C . 8.62 2.14 5.32
C5 BGC C . 7.30 2.74 5.86
C6 BGC C . 6.68 3.80 4.95
C1 BGC C . 6.22 0.55 5.59
O2 BGC C . 8.23 -0.26 6.87
O3 BGC C . 8.05 0.86 3.36
O4 BGC C . 9.56 2.08 6.40
O5 BGC C . 6.28 1.81 6.27
O6 BGC C . 5.75 4.59 5.70
#